data_1Q85
#
_entry.id   1Q85
#
_cell.length_a   60.300
_cell.length_b   86.170
_cell.length_c   125.880
_cell.angle_alpha   90.00
_cell.angle_beta   100.39
_cell.angle_gamma   90.00
#
_symmetry.space_group_name_H-M   'P 1 21 1'
#
loop_
_entity.id
_entity.type
_entity.pdbx_description
1 polymer '5-methyltetrahydrofolate S-homocysteine methyltransferase'
2 non-polymer 'CADMIUM ION'
3 water water
#
_entity_poly.entity_id   1
_entity_poly.type   'polypeptide(L)'
_entity_poly.pdbx_seq_one_letter_code
;(MSE)RNRREVSKLLSERVLLLDGAYGTEF(MSE)KYGYDDLPEELNIKAPDVVLKVHRSYIESGSDVILTNTFGATR
(MSE)KLRKHGLEDKLDPIVRNAVRIARRAAGEKLVFGDIGPTGELPYPLGSTLFEEFYENFRETVEI(MSE)VEEGVDG
IIFETFSDILELKAAVLAAREVSRDVFLIAH(MSE)TFDEKGRSLTGTDPANFAITFDELDIDALGINCSLGPEEILPIF
QELSQYTDKFLVVEPNAGKPIVENGKTVYPLKPHDFAVHIDSYYELGVNIFGGCCGTTPEHVKLFRKVLGNRKPLQRKKK
RIFAVSSPSKLVTFDHFVVIGERINPAGRKKLWAE(MSE)QKGNEEIVIKEAKTQVEKGAEVLDVNFGIESQIDVRYVEK
IVQTLPYVSNVPLSLDIQNVDLTERALRAYPGRSLFNSAKVDEEELE(MSE)KINLLKKYGGTLIVLL(MSE)GKDVPKS
FEERKEYFEKALKILERHDFSDRVIFDPGVLPLGAEGKPVEVLKTIEFISSKGFNTTVGLSNLSFGLPDRSYYNTAFLVL
GISKGLSSAI(MSE)NPLDETL(MSE)KTLNATLVILEKKELPRAEVK
;
_entity_poly.pdbx_strand_id   A,B
#
loop_
_chem_comp.id
_chem_comp.type
_chem_comp.name
_chem_comp.formula
CD non-polymer 'CADMIUM ION' 'Cd 2'
#
# COMPACT_ATOMS: atom_id res chain seq x y z
N MSE A 1 51.40 34.40 -3.88
CA MSE A 1 52.80 33.90 -3.87
C MSE A 1 52.77 32.38 -3.95
O MSE A 1 53.36 31.78 -4.85
CB MSE A 1 53.50 34.31 -2.58
CG MSE A 1 52.98 35.59 -1.92
SE MSE A 1 53.33 37.23 -2.88
CE MSE A 1 55.16 37.54 -2.31
N ARG A 2 52.06 31.77 -3.00
CA ARG A 2 51.93 30.32 -2.94
C ARG A 2 50.53 29.88 -3.37
N ASN A 3 50.44 28.76 -4.08
CA ASN A 3 49.17 28.24 -4.55
C ASN A 3 48.54 27.30 -3.53
N ARG A 4 47.31 26.89 -3.79
CA ARG A 4 46.63 26.03 -2.84
C ARG A 4 47.20 24.61 -2.70
N ARG A 5 47.95 24.15 -3.69
CA ARG A 5 48.53 22.82 -3.56
C ARG A 5 49.63 22.91 -2.51
N GLU A 6 50.38 24.02 -2.54
CA GLU A 6 51.47 24.27 -1.60
C GLU A 6 50.93 24.47 -0.19
N VAL A 7 49.90 25.31 -0.07
CA VAL A 7 49.30 25.56 1.23
C VAL A 7 48.76 24.25 1.78
N SER A 8 48.10 23.47 0.91
CA SER A 8 47.54 22.20 1.32
C SER A 8 48.63 21.24 1.81
N LYS A 9 49.78 21.27 1.17
CA LYS A 9 50.89 20.42 1.55
C LYS A 9 51.36 20.83 2.94
N LEU A 10 51.59 22.13 3.12
CA LEU A 10 52.03 22.64 4.41
C LEU A 10 51.05 22.24 5.51
N LEU A 11 49.75 22.46 5.28
CA LEU A 11 48.73 22.09 6.26
C LEU A 11 48.72 20.61 6.55
N SER A 12 48.98 19.79 5.54
CA SER A 12 48.99 18.35 5.77
C SER A 12 50.11 17.97 6.73
N GLU A 13 51.12 18.81 6.79
CA GLU A 13 52.28 18.57 7.65
C GLU A 13 52.17 19.14 9.07
N ARG A 14 51.46 20.25 9.25
CA ARG A 14 51.33 20.78 10.60
C ARG A 14 50.20 21.79 10.81
N VAL A 15 49.74 21.89 12.05
CA VAL A 15 48.68 22.82 12.40
C VAL A 15 49.28 24.22 12.45
N LEU A 16 48.69 25.17 11.72
CA LEU A 16 49.23 26.52 11.72
C LEU A 16 48.51 27.44 12.69
N LEU A 17 49.19 28.51 13.06
CA LEU A 17 48.67 29.49 13.99
C LEU A 17 48.29 30.76 13.22
N LEU A 18 47.07 31.24 13.42
CA LEU A 18 46.65 32.48 12.74
C LEU A 18 46.97 33.65 13.66
N ASP A 19 46.52 34.85 13.30
CA ASP A 19 46.79 36.01 14.13
C ASP A 19 45.60 36.35 15.01
N GLY A 20 45.63 37.51 15.67
CA GLY A 20 44.54 37.90 16.54
C GLY A 20 43.67 39.02 16.01
N ALA A 21 43.08 39.80 16.90
CA ALA A 21 42.21 40.92 16.53
C ALA A 21 43.00 42.19 16.23
N TYR A 22 42.53 42.96 15.25
CA TYR A 22 43.19 44.21 14.88
C TYR A 22 42.43 45.44 15.39
N GLY A 23 41.11 45.44 15.19
CA GLY A 23 40.29 46.56 15.62
C GLY A 23 40.57 47.03 17.04
N THR A 24 40.39 46.12 18.00
CA THR A 24 40.60 46.42 19.41
C THR A 24 42.04 46.84 19.69
N GLU A 25 42.95 46.42 18.82
CA GLU A 25 44.36 46.76 18.96
C GLU A 25 44.56 48.21 18.54
N PHE A 26 43.89 48.60 17.47
CA PHE A 26 43.97 49.96 16.95
C PHE A 26 43.55 50.98 17.99
N MSE A 27 42.41 50.74 18.63
CA MSE A 27 41.90 51.62 19.67
C MSE A 27 42.94 51.77 20.76
O MSE A 27 43.16 52.85 21.30
CB MSE A 27 40.61 51.04 20.26
CG MSE A 27 40.14 51.72 21.53
SE MSE A 27 39.74 53.61 21.26
CE MSE A 27 37.84 53.44 20.90
N LYS A 28 43.59 50.66 21.08
CA LYS A 28 44.62 50.61 22.10
C LYS A 28 45.75 51.58 21.74
N TYR A 29 45.99 51.76 20.44
CA TYR A 29 47.03 52.67 19.96
C TYR A 29 46.55 54.09 19.75
N GLY A 30 45.37 54.41 20.29
CA GLY A 30 44.83 55.75 20.15
C GLY A 30 44.15 56.03 18.82
N TYR A 31 43.58 55.00 18.20
CA TYR A 31 42.90 55.14 16.93
C TYR A 31 41.56 54.42 16.93
N ASP A 32 40.49 55.17 17.16
CA ASP A 32 39.16 54.57 17.17
C ASP A 32 38.54 54.63 15.77
N ASP A 33 39.37 54.98 14.79
CA ASP A 33 38.94 55.07 13.39
C ASP A 33 38.52 53.69 12.90
N LEU A 34 37.78 53.62 11.79
CA LEU A 34 37.38 52.33 11.25
C LEU A 34 38.59 51.75 10.52
N PRO A 35 39.00 50.53 10.90
CA PRO A 35 40.12 49.74 10.40
C PRO A 35 40.59 49.94 8.97
N GLU A 36 39.70 49.71 8.00
CA GLU A 36 40.06 49.86 6.60
C GLU A 36 40.69 51.22 6.31
N GLU A 37 40.20 52.25 6.98
CA GLU A 37 40.71 53.61 6.77
C GLU A 37 42.19 53.75 7.10
N LEU A 38 42.59 53.25 8.27
CA LEU A 38 43.97 53.33 8.71
C LEU A 38 44.92 52.86 7.63
N ASN A 39 44.42 51.99 6.75
CA ASN A 39 45.24 51.48 5.67
C ASN A 39 45.88 52.65 4.94
N ILE A 40 45.11 53.71 4.72
CA ILE A 40 45.64 54.87 4.01
C ILE A 40 46.06 56.01 4.93
N LYS A 41 45.29 56.30 5.96
CA LYS A 41 45.64 57.41 6.84
C LYS A 41 46.77 57.10 7.83
N ALA A 42 46.73 55.95 8.48
CA ALA A 42 47.76 55.59 9.44
C ALA A 42 48.35 54.20 9.17
N PRO A 43 48.99 54.02 8.01
CA PRO A 43 49.57 52.71 7.67
C PRO A 43 50.52 52.18 8.73
N ASP A 44 51.23 53.09 9.40
CA ASP A 44 52.18 52.70 10.43
C ASP A 44 51.50 51.91 11.54
N VAL A 45 50.30 52.34 11.93
CA VAL A 45 49.56 51.64 12.98
C VAL A 45 49.28 50.22 12.51
N VAL A 46 48.80 50.09 11.28
CA VAL A 46 48.50 48.78 10.71
C VAL A 46 49.71 47.84 10.79
N LEU A 47 50.88 48.35 10.38
CA LEU A 47 52.09 47.55 10.38
C LEU A 47 52.49 47.09 11.78
N LYS A 48 52.34 47.97 12.76
CA LYS A 48 52.68 47.63 14.15
C LYS A 48 51.90 46.40 14.62
N VAL A 49 50.59 46.42 14.40
CA VAL A 49 49.73 45.30 14.81
C VAL A 49 50.09 44.00 14.09
N HIS A 50 50.43 44.09 12.80
CA HIS A 50 50.82 42.91 12.04
C HIS A 50 52.10 42.29 12.58
N ARG A 51 53.08 43.14 12.90
CA ARG A 51 54.37 42.68 13.41
C ARG A 51 54.26 42.11 14.81
N SER A 52 53.34 42.64 15.61
CA SER A 52 53.17 42.14 16.96
C SER A 52 52.71 40.68 16.85
N TYR A 53 51.94 40.37 15.81
CA TYR A 53 51.46 39.00 15.64
C TYR A 53 52.53 38.10 15.04
N ILE A 54 53.25 38.61 14.04
CA ILE A 54 54.31 37.81 13.43
C ILE A 54 55.33 37.49 14.52
N GLU A 55 55.66 38.51 15.31
CA GLU A 55 56.61 38.36 16.41
C GLU A 55 56.06 37.49 17.53
N SER A 56 54.74 37.27 17.53
CA SER A 56 54.12 36.42 18.53
C SER A 56 54.07 34.99 18.03
N GLY A 57 54.55 34.77 16.81
CA GLY A 57 54.58 33.42 16.28
C GLY A 57 53.56 33.01 15.23
N SER A 58 52.80 33.96 14.69
CA SER A 58 51.79 33.62 13.68
C SER A 58 52.42 33.09 12.40
N ASP A 59 51.83 32.03 11.86
CA ASP A 59 52.27 31.39 10.62
C ASP A 59 51.51 32.05 9.44
N VAL A 60 50.41 32.71 9.77
CA VAL A 60 49.56 33.37 8.80
C VAL A 60 48.96 34.64 9.43
N ILE A 61 48.94 35.72 8.67
CA ILE A 61 48.32 36.96 9.12
C ILE A 61 47.29 37.33 8.06
N LEU A 62 46.24 38.02 8.49
CA LEU A 62 45.16 38.43 7.60
C LEU A 62 45.28 39.89 7.18
N THR A 63 45.06 40.18 5.90
CA THR A 63 45.13 41.56 5.44
C THR A 63 44.02 42.33 6.13
N ASN A 64 44.27 43.61 6.42
CA ASN A 64 43.31 44.47 7.12
C ASN A 64 42.27 44.94 6.08
N THR A 65 41.46 44.01 5.60
CA THR A 65 40.47 44.28 4.57
C THR A 65 39.07 43.70 4.82
N PHE A 66 38.77 43.37 6.07
CA PHE A 66 37.48 42.78 6.39
C PHE A 66 36.28 43.52 5.80
N GLY A 67 36.35 44.84 5.79
CA GLY A 67 35.24 45.61 5.26
C GLY A 67 35.54 46.19 3.90
N ALA A 68 36.56 45.67 3.22
CA ALA A 68 36.98 46.19 1.93
C ALA A 68 36.35 45.68 0.64
N THR A 69 35.02 45.77 0.54
CA THR A 69 34.30 45.40 -0.68
C THR A 69 33.54 46.67 -1.07
N ARG A 70 33.22 46.83 -2.35
CA ARG A 70 32.49 48.04 -2.75
C ARG A 70 31.21 48.25 -1.95
N MSE A 71 30.38 47.22 -1.84
CA MSE A 71 29.12 47.35 -1.13
C MSE A 71 29.28 47.82 0.30
O MSE A 71 28.50 48.65 0.75
CB MSE A 71 28.36 46.02 -1.16
CG MSE A 71 27.85 45.64 -2.55
SE MSE A 71 26.78 44.02 -2.61
CE MSE A 71 25.54 44.47 -1.24
N LYS A 72 30.30 47.33 1.00
CA LYS A 72 30.53 47.73 2.39
C LYS A 72 31.15 49.14 2.49
N LEU A 73 32.12 49.41 1.62
CA LEU A 73 32.80 50.71 1.60
C LEU A 73 31.86 51.86 1.25
N ARG A 74 30.95 51.59 0.32
CA ARG A 74 29.97 52.56 -0.14
C ARG A 74 29.12 53.06 1.00
N LYS A 75 29.09 52.31 2.10
CA LYS A 75 28.32 52.67 3.28
C LYS A 75 29.06 53.63 4.22
N HIS A 76 30.30 53.97 3.86
CA HIS A 76 31.09 54.89 4.66
C HIS A 76 31.71 55.95 3.74
N GLY A 77 31.29 55.93 2.48
CA GLY A 77 31.80 56.88 1.52
C GLY A 77 33.25 56.59 1.16
N LEU A 78 33.56 55.32 0.92
CA LEU A 78 34.93 54.92 0.57
C LEU A 78 35.01 54.07 -0.69
N GLU A 79 33.87 53.86 -1.35
CA GLU A 79 33.86 53.02 -2.55
C GLU A 79 34.93 53.31 -3.59
N ASP A 80 35.27 54.59 -3.78
CA ASP A 80 36.28 54.95 -4.78
C ASP A 80 37.70 54.70 -4.27
N LYS A 81 37.82 54.36 -2.99
CA LYS A 81 39.12 54.07 -2.38
C LYS A 81 39.38 52.57 -2.33
N LEU A 82 38.52 51.81 -2.99
CA LEU A 82 38.62 50.36 -3.02
C LEU A 82 39.99 49.84 -3.46
N ASP A 83 40.48 50.33 -4.60
CA ASP A 83 41.77 49.86 -5.13
C ASP A 83 42.95 50.18 -4.19
N PRO A 84 43.01 51.41 -3.65
CA PRO A 84 44.10 51.79 -2.75
C PRO A 84 44.09 50.96 -1.47
N ILE A 85 42.99 51.06 -0.74
CA ILE A 85 42.81 50.34 0.51
C ILE A 85 43.26 48.88 0.42
N VAL A 86 42.83 48.19 -0.64
CA VAL A 86 43.17 46.78 -0.81
C VAL A 86 44.63 46.53 -1.20
N ARG A 87 45.11 47.22 -2.24
CA ARG A 87 46.49 47.05 -2.67
C ARG A 87 47.48 47.39 -1.57
N ASN A 88 47.20 48.45 -0.81
CA ASN A 88 48.08 48.86 0.27
C ASN A 88 48.05 47.85 1.41
N ALA A 89 46.89 47.23 1.63
CA ALA A 89 46.73 46.24 2.69
C ALA A 89 47.59 45.03 2.44
N VAL A 90 47.54 44.52 1.21
CA VAL A 90 48.32 43.34 0.85
C VAL A 90 49.80 43.68 0.90
N ARG A 91 50.11 44.97 0.72
CA ARG A 91 51.48 45.44 0.75
C ARG A 91 51.96 45.56 2.18
N ILE A 92 51.22 46.30 3.00
CA ILE A 92 51.58 46.47 4.41
C ILE A 92 51.74 45.12 5.10
N ALA A 93 50.78 44.23 4.86
CA ALA A 93 50.79 42.90 5.46
C ALA A 93 51.98 42.07 5.00
N ARG A 94 52.25 42.07 3.70
CA ARG A 94 53.37 41.31 3.18
C ARG A 94 54.73 41.82 3.67
N ARG A 95 54.81 43.09 4.03
CA ARG A 95 56.06 43.66 4.52
C ARG A 95 56.29 43.19 5.95
N ALA A 96 55.22 42.86 6.65
CA ALA A 96 55.34 42.39 8.02
C ALA A 96 55.54 40.90 8.06
N ALA A 97 54.91 40.19 7.13
CA ALA A 97 54.99 38.73 7.07
C ALA A 97 56.32 38.14 6.64
N GLY A 98 56.94 38.75 5.65
CA GLY A 98 58.21 38.24 5.16
C GLY A 98 58.03 36.89 4.48
N GLU A 99 58.35 35.81 5.19
CA GLU A 99 58.22 34.48 4.62
C GLU A 99 56.94 33.78 5.08
N LYS A 100 56.24 34.40 6.02
CA LYS A 100 55.00 33.85 6.55
C LYS A 100 53.85 34.08 5.56
N LEU A 101 52.80 33.27 5.67
CA LEU A 101 51.64 33.35 4.80
C LEU A 101 50.75 34.57 5.03
N VAL A 102 50.23 35.13 3.95
CA VAL A 102 49.33 36.28 4.01
C VAL A 102 48.04 35.90 3.28
N PHE A 103 46.92 35.90 4.00
CA PHE A 103 45.62 35.57 3.43
C PHE A 103 44.79 36.84 3.31
N GLY A 104 44.14 37.01 2.16
CA GLY A 104 43.28 38.16 1.97
C GLY A 104 42.07 37.91 2.85
N ASP A 105 41.70 38.90 3.65
CA ASP A 105 40.57 38.79 4.56
C ASP A 105 39.35 39.54 4.01
N ILE A 106 38.27 38.82 3.73
CA ILE A 106 37.03 39.43 3.25
C ILE A 106 35.82 39.09 4.11
N GLY A 107 35.16 40.13 4.61
CA GLY A 107 33.99 39.94 5.44
C GLY A 107 32.69 40.18 4.67
N PRO A 108 31.54 39.94 5.30
CA PRO A 108 30.22 40.12 4.68
C PRO A 108 29.90 41.60 4.48
N THR A 109 28.93 41.88 3.63
CA THR A 109 28.56 43.27 3.33
C THR A 109 27.61 43.94 4.31
N GLY A 110 26.91 43.15 5.10
CA GLY A 110 25.97 43.75 6.03
C GLY A 110 24.61 43.88 5.35
N GLU A 111 24.53 43.43 4.10
CA GLU A 111 23.29 43.49 3.33
C GLU A 111 22.71 42.09 3.19
N LEU A 112 21.44 41.92 3.56
CA LEU A 112 20.79 40.62 3.46
C LEU A 112 20.36 40.35 2.03
N PRO A 113 20.29 39.07 1.65
CA PRO A 113 19.88 38.77 0.28
C PRO A 113 18.38 38.95 0.10
N TYR A 114 17.99 39.32 -1.10
CA TYR A 114 16.58 39.50 -1.44
C TYR A 114 15.97 38.14 -1.14
N PRO A 115 14.75 38.08 -0.59
CA PRO A 115 13.80 39.13 -0.20
C PRO A 115 13.92 39.68 1.21
N LEU A 116 14.93 39.27 1.95
CA LEU A 116 15.10 39.79 3.30
C LEU A 116 15.72 41.18 3.09
N GLY A 117 16.59 41.26 2.09
CA GLY A 117 17.23 42.51 1.73
C GLY A 117 16.78 42.83 0.32
N SER A 118 17.56 43.61 -0.41
CA SER A 118 17.19 43.93 -1.78
C SER A 118 18.26 43.43 -2.76
N THR A 119 19.31 42.81 -2.23
CA THR A 119 20.39 42.34 -3.09
C THR A 119 20.19 40.97 -3.69
N LEU A 120 20.49 40.86 -4.98
CA LEU A 120 20.39 39.61 -5.72
C LEU A 120 21.77 38.96 -5.79
N PHE A 121 21.80 37.64 -5.95
CA PHE A 121 23.05 36.90 -6.04
C PHE A 121 24.07 37.57 -6.96
N GLU A 122 23.64 37.97 -8.15
CA GLU A 122 24.51 38.60 -9.16
C GLU A 122 25.30 39.80 -8.64
N GLU A 123 24.68 40.63 -7.82
CA GLU A 123 25.36 41.80 -7.31
C GLU A 123 26.39 41.41 -6.22
N PHE A 124 26.04 40.43 -5.38
CA PHE A 124 26.99 39.97 -4.34
C PHE A 124 28.23 39.42 -5.05
N TYR A 125 28.02 38.62 -6.09
CA TYR A 125 29.08 38.00 -6.88
C TYR A 125 30.06 38.97 -7.53
N GLU A 126 29.54 40.02 -8.19
CA GLU A 126 30.42 40.99 -8.84
C GLU A 126 31.18 41.77 -7.78
N ASN A 127 30.49 42.02 -6.68
CA ASN A 127 31.07 42.74 -5.57
C ASN A 127 32.31 42.00 -5.03
N PHE A 128 32.17 40.72 -4.75
CA PHE A 128 33.29 39.95 -4.20
C PHE A 128 34.35 39.68 -5.27
N ARG A 129 33.91 39.62 -6.52
CA ARG A 129 34.79 39.37 -7.65
C ARG A 129 35.87 40.45 -7.78
N GLU A 130 35.47 41.70 -7.61
CA GLU A 130 36.39 42.83 -7.75
C GLU A 130 37.44 42.92 -6.65
N THR A 131 37.04 42.65 -5.42
CA THR A 131 37.99 42.70 -4.32
C THR A 131 39.01 41.55 -4.45
N VAL A 132 38.54 40.37 -4.85
CA VAL A 132 39.43 39.23 -5.01
C VAL A 132 40.46 39.45 -6.14
N GLU A 133 40.03 40.06 -7.25
CA GLU A 133 40.94 40.33 -8.39
C GLU A 133 42.20 41.07 -7.94
N ILE A 134 41.99 42.13 -7.16
CA ILE A 134 43.07 42.95 -6.65
C ILE A 134 44.00 42.09 -5.78
N MSE A 135 43.42 41.45 -4.77
CA MSE A 135 44.17 40.59 -3.85
C MSE A 135 45.07 39.62 -4.58
O MSE A 135 46.26 39.47 -4.25
CB MSE A 135 43.23 39.83 -2.94
CG MSE A 135 42.52 40.70 -1.93
SE MSE A 135 41.37 39.67 -0.78
CE MSE A 135 40.86 41.04 0.38
N VAL A 136 44.51 38.93 -5.58
CA VAL A 136 45.28 37.97 -6.36
C VAL A 136 46.44 38.69 -7.05
N GLU A 137 46.16 39.88 -7.60
CA GLU A 137 47.17 40.66 -8.28
C GLU A 137 48.29 41.10 -7.35
N GLU A 138 47.94 41.48 -6.12
CA GLU A 138 48.92 41.91 -5.13
C GLU A 138 49.60 40.72 -4.48
N GLY A 139 49.23 39.52 -4.92
CA GLY A 139 49.84 38.31 -4.40
C GLY A 139 49.54 37.87 -2.98
N VAL A 140 48.42 37.18 -2.79
CA VAL A 140 48.08 36.66 -1.47
C VAL A 140 48.32 35.17 -1.57
N ASP A 141 48.47 34.51 -0.43
CA ASP A 141 48.69 33.06 -0.42
C ASP A 141 47.38 32.34 -0.14
N GLY A 142 46.31 33.12 -0.07
CA GLY A 142 45.00 32.56 0.18
C GLY A 142 43.99 33.66 0.46
N ILE A 143 42.71 33.27 0.53
CA ILE A 143 41.64 34.22 0.81
C ILE A 143 40.66 33.55 1.78
N ILE A 144 40.32 34.28 2.83
CA ILE A 144 39.40 33.73 3.83
C ILE A 144 38.20 34.64 3.95
N PHE A 145 37.03 34.04 3.85
CA PHE A 145 35.79 34.77 3.97
C PHE A 145 35.35 34.56 5.41
N GLU A 146 35.61 35.57 6.23
CA GLU A 146 35.28 35.52 7.65
C GLU A 146 33.94 36.10 8.06
N THR A 147 33.42 35.54 9.15
CA THR A 147 32.19 36.02 9.77
C THR A 147 30.90 36.06 8.92
N PHE A 148 30.73 35.13 7.99
CA PHE A 148 29.50 35.15 7.18
C PHE A 148 28.28 34.61 7.92
N SER A 149 27.14 35.27 7.69
CA SER A 149 25.88 34.95 8.35
C SER A 149 24.81 34.37 7.45
N ASP A 150 25.03 34.44 6.15
CA ASP A 150 24.07 33.93 5.19
C ASP A 150 24.79 33.08 4.14
N ILE A 151 24.25 31.91 3.82
CA ILE A 151 24.89 31.01 2.85
C ILE A 151 24.84 31.46 1.41
N LEU A 152 23.83 32.25 1.05
CA LEU A 152 23.78 32.70 -0.33
C LEU A 152 24.88 33.76 -0.54
N GLU A 153 25.06 34.66 0.43
CA GLU A 153 26.12 35.67 0.29
C GLU A 153 27.50 34.99 0.26
N LEU A 154 27.68 33.97 1.09
CA LEU A 154 28.96 33.25 1.17
C LEU A 154 29.14 32.43 -0.10
N LYS A 155 28.07 31.83 -0.61
CA LYS A 155 28.19 31.06 -1.83
C LYS A 155 28.63 32.01 -2.97
N ALA A 156 28.10 33.23 -3.00
CA ALA A 156 28.50 34.18 -4.05
C ALA A 156 29.98 34.56 -3.92
N ALA A 157 30.40 34.79 -2.68
CA ALA A 157 31.78 35.14 -2.43
C ALA A 157 32.77 34.06 -2.90
N VAL A 158 32.49 32.80 -2.59
CA VAL A 158 33.40 31.71 -3.00
C VAL A 158 33.36 31.41 -4.49
N LEU A 159 32.17 31.44 -5.07
CA LEU A 159 32.06 31.20 -6.51
C LEU A 159 32.83 32.30 -7.25
N ALA A 160 32.68 33.55 -6.82
CA ALA A 160 33.37 34.66 -7.46
C ALA A 160 34.89 34.53 -7.34
N ALA A 161 35.35 34.23 -6.13
CA ALA A 161 36.78 34.09 -5.88
C ALA A 161 37.39 32.99 -6.73
N ARG A 162 36.71 31.86 -6.79
CA ARG A 162 37.20 30.73 -7.56
C ARG A 162 37.23 31.03 -9.07
N GLU A 163 36.31 31.88 -9.50
CA GLU A 163 36.21 32.32 -10.89
C GLU A 163 37.47 33.15 -11.21
N VAL A 164 37.85 34.02 -10.28
CA VAL A 164 39.02 34.86 -10.45
C VAL A 164 40.33 34.06 -10.48
N SER A 165 40.39 33.00 -9.68
CA SER A 165 41.59 32.17 -9.62
C SER A 165 41.25 30.77 -9.14
N ARG A 166 41.61 29.76 -9.91
CA ARG A 166 41.32 28.40 -9.50
C ARG A 166 42.51 27.83 -8.75
N ASP A 167 43.50 28.67 -8.48
CA ASP A 167 44.70 28.24 -7.78
C ASP A 167 44.85 28.80 -6.37
N VAL A 168 44.12 29.86 -6.06
CA VAL A 168 44.20 30.47 -4.74
C VAL A 168 43.53 29.57 -3.68
N PHE A 169 44.18 29.41 -2.54
CA PHE A 169 43.62 28.58 -1.46
C PHE A 169 42.41 29.36 -0.89
N LEU A 170 41.24 28.73 -0.86
CA LEU A 170 40.06 29.42 -0.37
C LEU A 170 39.47 28.84 0.91
N ILE A 171 39.17 29.71 1.87
CA ILE A 171 38.59 29.31 3.13
C ILE A 171 37.24 30.01 3.36
N ALA A 172 36.23 29.25 3.77
CA ALA A 172 34.92 29.84 4.04
C ALA A 172 34.51 29.64 5.48
N HIS A 173 34.16 30.73 6.14
CA HIS A 173 33.70 30.70 7.52
C HIS A 173 32.29 31.26 7.66
N MSE A 174 31.56 30.71 8.63
CA MSE A 174 30.24 31.19 9.00
C MSE A 174 30.34 31.42 10.50
O MSE A 174 31.19 30.82 11.18
CB MSE A 174 29.15 30.14 8.70
CG MSE A 174 28.82 30.02 7.23
SE MSE A 174 27.03 29.40 6.88
CE MSE A 174 26.11 31.12 7.09
N THR A 175 29.52 32.33 11.02
CA THR A 175 29.52 32.55 12.47
C THR A 175 28.16 32.05 12.94
N PHE A 176 28.12 31.40 14.10
CA PHE A 176 26.89 30.86 14.64
C PHE A 176 26.57 31.41 16.03
N ASP A 177 25.29 31.51 16.36
CA ASP A 177 24.90 32.00 17.69
C ASP A 177 25.01 30.84 18.68
N GLU A 178 24.57 31.06 19.92
CA GLU A 178 24.67 29.99 20.93
C GLU A 178 23.84 28.76 20.57
N LYS A 179 22.82 28.93 19.72
CA LYS A 179 21.99 27.81 19.31
C LYS A 179 22.61 27.08 18.11
N GLY A 180 23.78 27.55 17.69
CA GLY A 180 24.44 26.93 16.56
C GLY A 180 23.72 27.22 15.26
N ARG A 181 23.31 28.46 15.06
CA ARG A 181 22.63 28.84 13.84
C ARG A 181 23.08 30.21 13.34
N SER A 182 23.29 30.31 12.02
CA SER A 182 23.70 31.57 11.42
C SER A 182 22.45 32.46 11.44
N LEU A 183 22.63 33.75 11.14
CA LEU A 183 21.55 34.72 11.11
C LEU A 183 20.33 34.27 10.29
N THR A 184 20.56 33.62 9.15
CA THR A 184 19.42 33.17 8.35
C THR A 184 19.03 31.71 8.56
N GLY A 185 19.50 31.13 9.67
CA GLY A 185 19.12 29.78 10.05
C GLY A 185 19.93 28.55 9.69
N THR A 186 21.14 28.74 9.19
CA THR A 186 21.97 27.61 8.81
C THR A 186 22.73 27.01 10.00
N ASP A 187 22.67 25.70 10.17
CA ASP A 187 23.41 25.06 11.26
C ASP A 187 24.71 24.49 10.67
N PRO A 188 25.62 24.01 11.51
CA PRO A 188 26.90 23.43 11.07
C PRO A 188 26.86 22.32 10.03
N ALA A 189 25.96 21.35 10.19
CA ALA A 189 25.86 20.24 9.24
C ALA A 189 25.40 20.73 7.86
N ASN A 190 24.45 21.66 7.85
CA ASN A 190 23.94 22.20 6.58
C ASN A 190 25.07 22.95 5.86
N PHE A 191 25.82 23.78 6.60
CA PHE A 191 26.94 24.54 6.08
C PHE A 191 28.01 23.61 5.49
N ALA A 192 28.39 22.59 6.25
CA ALA A 192 29.37 21.62 5.82
C ALA A 192 28.93 20.88 4.57
N ILE A 193 27.71 20.37 4.60
CA ILE A 193 27.16 19.61 3.47
C ILE A 193 26.98 20.44 2.20
N THR A 194 26.63 21.71 2.37
CA THR A 194 26.41 22.57 1.22
C THR A 194 27.75 23.00 0.63
N PHE A 195 28.66 23.41 1.49
CA PHE A 195 29.93 23.92 1.02
C PHE A 195 31.02 22.90 0.80
N ASP A 196 30.87 21.69 1.34
CA ASP A 196 31.90 20.66 1.14
C ASP A 196 32.06 20.29 -0.33
N GLU A 197 30.98 20.38 -1.11
CA GLU A 197 31.11 20.02 -2.51
C GLU A 197 31.53 21.14 -3.45
N LEU A 198 31.66 22.35 -2.93
CA LEU A 198 32.10 23.48 -3.75
C LEU A 198 33.63 23.47 -3.80
N ASP A 199 34.20 24.13 -4.79
CA ASP A 199 35.65 24.11 -4.93
C ASP A 199 36.44 24.99 -3.98
N ILE A 200 36.21 24.80 -2.69
CA ILE A 200 36.92 25.57 -1.67
C ILE A 200 37.90 24.59 -1.04
N ASP A 201 38.85 25.09 -0.28
CA ASP A 201 39.85 24.22 0.32
C ASP A 201 39.68 23.96 1.83
N ALA A 202 38.97 24.84 2.52
CA ALA A 202 38.79 24.66 3.95
C ALA A 202 37.54 25.37 4.43
N LEU A 203 36.97 24.88 5.52
CA LEU A 203 35.77 25.48 6.11
C LEU A 203 36.10 25.80 7.57
N GLY A 204 35.33 26.69 8.18
CA GLY A 204 35.61 27.02 9.56
C GLY A 204 34.58 27.92 10.20
N ILE A 205 34.89 28.29 11.42
CA ILE A 205 34.03 29.15 12.24
C ILE A 205 34.84 30.24 12.94
N ASN A 206 34.29 31.45 12.98
CA ASN A 206 34.95 32.52 13.69
C ASN A 206 33.87 33.43 14.28
N CYS A 207 34.22 34.11 15.37
CA CYS A 207 33.35 35.09 16.03
C CYS A 207 32.11 34.60 16.77
N SER A 208 31.34 35.57 17.25
CA SER A 208 30.10 35.34 17.99
C SER A 208 30.22 34.63 19.34
N LEU A 209 31.06 33.61 19.43
CA LEU A 209 31.20 32.85 20.67
C LEU A 209 32.65 32.65 21.11
N GLY A 210 32.82 32.20 22.34
CA GLY A 210 34.15 31.93 22.87
C GLY A 210 34.59 30.52 22.52
N PRO A 211 35.79 30.08 22.95
CA PRO A 211 36.31 28.73 22.66
C PRO A 211 35.44 27.59 23.18
N GLU A 212 34.91 27.75 24.38
CA GLU A 212 34.10 26.69 24.98
C GLU A 212 32.77 26.47 24.24
N GLU A 213 32.14 27.56 23.83
CA GLU A 213 30.87 27.49 23.13
C GLU A 213 30.95 26.99 21.69
N ILE A 214 32.01 27.34 20.98
CA ILE A 214 32.15 26.90 19.59
C ILE A 214 32.45 25.40 19.45
N LEU A 215 33.08 24.83 20.47
CA LEU A 215 33.47 23.42 20.45
C LEU A 215 32.49 22.41 19.87
N PRO A 216 31.25 22.33 20.39
CA PRO A 216 30.32 21.35 19.80
C PRO A 216 29.81 21.78 18.43
N ILE A 217 29.87 23.08 18.16
CA ILE A 217 29.46 23.59 16.85
C ILE A 217 30.57 23.19 15.86
N PHE A 218 31.82 23.32 16.30
CA PHE A 218 32.98 22.96 15.46
C PHE A 218 33.00 21.46 15.21
N GLN A 219 32.60 20.69 16.21
CA GLN A 219 32.56 19.25 16.11
C GLN A 219 31.55 18.81 15.06
N GLU A 220 30.37 19.43 15.06
CA GLU A 220 29.37 19.06 14.07
C GLU A 220 29.91 19.34 12.67
N LEU A 221 30.56 20.49 12.50
CA LEU A 221 31.12 20.84 11.20
C LEU A 221 32.19 19.84 10.76
N SER A 222 33.07 19.46 11.67
CA SER A 222 34.15 18.54 11.36
C SER A 222 33.70 17.14 10.96
N GLN A 223 32.49 16.75 11.38
CA GLN A 223 31.97 15.43 11.04
C GLN A 223 31.36 15.35 9.65
N TYR A 224 31.05 16.50 9.05
CA TYR A 224 30.43 16.47 7.73
C TYR A 224 31.28 16.99 6.58
N THR A 225 32.53 17.30 6.84
CA THR A 225 33.42 17.72 5.77
C THR A 225 34.80 17.10 5.99
N ASP A 226 35.49 16.83 4.89
CA ASP A 226 36.83 16.25 4.93
C ASP A 226 37.83 17.32 4.51
N LYS A 227 37.36 18.54 4.34
CA LYS A 227 38.28 19.59 3.95
C LYS A 227 39.01 20.09 5.17
N PHE A 228 39.97 20.98 4.96
CA PHE A 228 40.75 21.54 6.05
C PHE A 228 39.83 22.37 6.95
N LEU A 229 40.15 22.44 8.23
CA LEU A 229 39.32 23.17 9.18
C LEU A 229 40.06 24.30 9.87
N VAL A 230 39.35 25.40 10.08
CA VAL A 230 39.91 26.58 10.71
C VAL A 230 38.93 27.01 11.81
N VAL A 231 39.45 27.63 12.87
CA VAL A 231 38.58 28.14 13.95
C VAL A 231 39.25 29.38 14.52
N GLU A 232 38.45 30.39 14.88
CA GLU A 232 38.94 31.63 15.47
C GLU A 232 37.85 32.10 16.44
N PRO A 233 37.85 31.60 17.69
CA PRO A 233 36.81 32.06 18.62
C PRO A 233 37.12 33.43 19.20
N ASN A 234 36.09 34.09 19.72
CA ASN A 234 36.27 35.37 20.37
C ASN A 234 36.84 34.96 21.72
N ALA A 235 37.52 35.89 22.39
CA ALA A 235 38.09 35.62 23.69
C ALA A 235 37.00 35.65 24.77
N GLY A 236 36.21 34.58 24.82
CA GLY A 236 35.15 34.46 25.80
C GLY A 236 33.86 35.14 25.40
N LYS A 237 32.92 35.21 26.34
CA LYS A 237 31.63 35.85 26.09
C LYS A 237 31.80 37.34 26.38
N PRO A 238 31.49 38.20 25.39
CA PRO A 238 31.63 39.64 25.62
C PRO A 238 30.74 40.16 26.74
N ILE A 239 31.29 41.08 27.53
CA ILE A 239 30.57 41.68 28.65
C ILE A 239 30.87 43.18 28.65
N VAL A 240 30.03 43.95 29.33
CA VAL A 240 30.22 45.39 29.38
C VAL A 240 30.65 45.85 30.77
N GLU A 241 31.77 46.56 30.84
CA GLU A 241 32.29 47.07 32.10
C GLU A 241 31.80 48.50 32.34
N ASN A 242 32.41 49.45 31.66
CA ASN A 242 32.03 50.85 31.80
C ASN A 242 31.75 51.48 30.44
N GLY A 243 30.60 51.13 29.86
CA GLY A 243 30.24 51.68 28.57
C GLY A 243 30.14 50.65 27.46
N LYS A 244 31.28 50.33 26.85
CA LYS A 244 31.30 49.35 25.77
C LYS A 244 31.81 47.99 26.21
N THR A 245 31.45 46.97 25.44
CA THR A 245 31.80 45.58 25.70
C THR A 245 33.30 45.27 25.75
N VAL A 246 33.64 44.18 26.42
CA VAL A 246 35.01 43.71 26.56
C VAL A 246 35.02 42.19 26.41
N TYR A 247 36.16 41.68 25.99
CA TYR A 247 36.38 40.25 25.80
C TYR A 247 37.30 39.84 26.95
N PRO A 248 36.71 39.29 28.01
CA PRO A 248 37.37 38.84 29.25
C PRO A 248 38.32 37.63 29.28
N LEU A 249 38.22 36.72 28.31
CA LEU A 249 39.09 35.55 28.31
C LEU A 249 40.58 35.88 28.21
N LYS A 250 41.32 35.57 29.25
CA LYS A 250 42.76 35.84 29.27
C LYS A 250 43.51 34.77 28.47
N PRO A 251 44.79 35.03 28.12
CA PRO A 251 45.60 34.08 27.34
C PRO A 251 45.51 32.61 27.73
N HIS A 252 45.87 32.27 28.96
CA HIS A 252 45.85 30.89 29.41
C HIS A 252 44.47 30.21 29.31
N ASP A 253 43.43 30.87 29.82
CA ASP A 253 42.09 30.29 29.77
C ASP A 253 41.62 30.05 28.35
N PHE A 254 42.18 30.81 27.41
CA PHE A 254 41.83 30.66 26.00
C PHE A 254 42.67 29.50 25.46
N ALA A 255 43.99 29.62 25.60
CA ALA A 255 44.95 28.60 25.13
C ALA A 255 44.70 27.16 25.58
N VAL A 256 44.15 26.97 26.77
CA VAL A 256 43.89 25.61 27.26
C VAL A 256 42.96 24.84 26.35
N HIS A 257 42.24 25.55 25.49
CA HIS A 257 41.30 24.92 24.57
C HIS A 257 41.92 24.38 23.28
N ILE A 258 43.16 24.73 23.00
CA ILE A 258 43.78 24.27 21.76
C ILE A 258 43.73 22.75 21.60
N ASP A 259 44.01 21.99 22.66
CA ASP A 259 43.99 20.53 22.55
C ASP A 259 42.64 19.97 22.10
N SER A 260 41.55 20.51 22.63
CA SER A 260 40.23 20.04 22.27
C SER A 260 39.98 20.28 20.78
N TYR A 261 40.46 21.40 20.26
CA TYR A 261 40.28 21.68 18.83
C TYR A 261 41.20 20.80 17.97
N TYR A 262 42.40 20.53 18.48
CA TYR A 262 43.34 19.69 17.77
C TYR A 262 42.80 18.26 17.60
N GLU A 263 42.09 17.78 18.61
CA GLU A 263 41.53 16.43 18.57
C GLU A 263 40.38 16.33 17.58
N LEU A 264 39.76 17.46 17.26
CA LEU A 264 38.65 17.48 16.32
C LEU A 264 39.14 17.72 14.90
N GLY A 265 40.45 17.64 14.70
CA GLY A 265 41.03 17.80 13.37
C GLY A 265 41.32 19.21 12.86
N VAL A 266 41.36 20.19 13.76
CA VAL A 266 41.64 21.56 13.37
C VAL A 266 42.97 21.65 12.65
N ASN A 267 43.01 22.51 11.63
CA ASN A 267 44.21 22.67 10.81
C ASN A 267 44.86 24.01 10.98
N ILE A 268 44.06 25.00 11.35
CA ILE A 268 44.57 26.35 11.56
C ILE A 268 43.75 26.90 12.74
N PHE A 269 44.45 27.39 13.74
CA PHE A 269 43.83 27.91 14.95
C PHE A 269 44.26 29.35 15.14
N GLY A 270 43.32 30.17 15.60
CA GLY A 270 43.63 31.57 15.81
C GLY A 270 42.53 32.16 16.68
N GLY A 271 42.52 33.47 16.83
CA GLY A 271 41.50 34.10 17.65
C GLY A 271 40.78 35.21 16.88
N CYS A 272 39.58 35.58 17.32
CA CYS A 272 38.85 36.66 16.67
C CYS A 272 38.80 37.87 17.62
N CYS A 273 37.65 38.55 17.67
CA CYS A 273 37.53 39.72 18.54
C CYS A 273 38.00 39.51 20.01
N GLY A 274 38.87 40.41 20.48
CA GLY A 274 39.37 40.32 21.85
C GLY A 274 40.71 39.60 22.00
N THR A 275 41.18 38.97 20.93
CA THR A 275 42.45 38.26 20.96
C THR A 275 43.56 39.28 20.78
N THR A 276 44.59 39.19 21.62
CA THR A 276 45.72 40.12 21.57
C THR A 276 47.04 39.45 21.18
N PRO A 277 48.10 40.25 20.96
CA PRO A 277 49.36 39.61 20.60
C PRO A 277 49.84 38.70 21.74
N GLU A 278 49.40 39.01 22.96
CA GLU A 278 49.74 38.24 24.15
C GLU A 278 49.06 36.88 24.10
N HIS A 279 47.84 36.84 23.57
CA HIS A 279 47.11 35.58 23.44
C HIS A 279 47.86 34.69 22.43
N VAL A 280 48.17 35.27 21.27
CA VAL A 280 48.86 34.56 20.21
C VAL A 280 50.21 34.01 20.68
N LYS A 281 50.95 34.79 21.47
CA LYS A 281 52.25 34.39 21.99
C LYS A 281 52.12 33.08 22.75
N LEU A 282 51.09 33.00 23.57
CA LEU A 282 50.84 31.80 24.34
C LEU A 282 50.34 30.66 23.45
N PHE A 283 49.49 30.97 22.47
CA PHE A 283 48.99 29.92 21.58
C PHE A 283 50.18 29.28 20.89
N ARG A 284 51.17 30.09 20.51
CA ARG A 284 52.35 29.54 19.84
C ARG A 284 53.02 28.47 20.74
N LYS A 285 53.24 28.83 22.01
CA LYS A 285 53.88 27.94 22.98
C LYS A 285 53.10 26.64 23.19
N VAL A 286 51.79 26.77 23.35
CA VAL A 286 50.93 25.63 23.59
C VAL A 286 50.71 24.77 22.34
N LEU A 287 50.54 25.42 21.18
CA LEU A 287 50.32 24.66 19.97
C LEU A 287 51.57 23.86 19.61
N GLY A 288 52.72 24.54 19.65
CA GLY A 288 53.98 23.89 19.30
C GLY A 288 53.99 23.43 17.85
N ASN A 289 54.57 22.25 17.61
CA ASN A 289 54.65 21.68 16.27
C ASN A 289 53.83 20.39 16.29
N ARG A 290 52.68 20.41 15.62
CA ARG A 290 51.82 19.23 15.58
C ARG A 290 51.35 18.89 14.18
N LYS A 291 51.19 17.60 13.93
CA LYS A 291 50.72 17.11 12.65
C LYS A 291 49.23 16.92 12.83
N PRO A 292 48.41 17.42 11.88
CA PRO A 292 46.95 17.31 11.95
C PRO A 292 46.45 15.88 12.11
N LEU A 293 45.29 15.73 12.76
CA LEU A 293 44.67 14.42 12.97
C LEU A 293 43.83 14.07 11.74
N GLN A 294 43.74 12.78 11.42
CA GLN A 294 42.94 12.33 10.28
C GLN A 294 41.47 12.26 10.64
N ARG A 295 40.60 12.48 9.66
CA ARG A 295 39.16 12.41 9.91
C ARG A 295 38.42 11.63 8.85
N LYS A 296 37.31 11.04 9.25
CA LYS A 296 36.46 10.30 8.33
C LYS A 296 35.09 10.95 8.47
N LYS A 297 34.64 11.61 7.40
CA LYS A 297 33.34 12.29 7.47
C LYS A 297 32.16 11.36 7.31
N LYS A 298 31.04 11.76 7.88
CA LYS A 298 29.80 10.99 7.77
C LYS A 298 29.20 11.40 6.44
N ARG A 299 28.56 10.47 5.75
CA ARG A 299 27.92 10.79 4.48
C ARG A 299 26.43 10.56 4.61
N ILE A 300 25.65 11.52 4.14
CA ILE A 300 24.21 11.40 4.16
C ILE A 300 23.72 12.00 2.85
N PHE A 301 22.52 11.63 2.44
CA PHE A 301 21.94 12.17 1.22
C PHE A 301 20.95 13.25 1.67
N ALA A 302 21.29 14.52 1.43
CA ALA A 302 20.44 15.63 1.85
C ALA A 302 20.46 16.84 0.93
N VAL A 303 19.39 17.61 0.97
CA VAL A 303 19.27 18.83 0.18
C VAL A 303 18.97 19.92 1.21
N SER A 304 19.21 21.18 0.86
CA SER A 304 19.01 22.23 1.84
C SER A 304 18.55 23.60 1.37
N SER A 305 18.11 24.38 2.36
CA SER A 305 17.70 25.77 2.20
C SER A 305 18.51 26.45 3.30
N PRO A 306 18.44 27.79 3.41
CA PRO A 306 19.20 28.44 4.47
C PRO A 306 18.84 27.95 5.88
N SER A 307 17.58 27.62 6.12
CA SER A 307 17.21 27.19 7.46
C SER A 307 16.82 25.73 7.60
N LYS A 308 16.74 25.01 6.48
CA LYS A 308 16.34 23.61 6.55
C LYS A 308 17.27 22.63 5.88
N LEU A 309 17.57 21.55 6.58
CA LEU A 309 18.40 20.50 6.03
C LEU A 309 17.48 19.30 5.95
N VAL A 310 17.12 18.88 4.73
CA VAL A 310 16.21 17.76 4.54
C VAL A 310 16.96 16.49 4.16
N THR A 311 17.09 15.57 5.12
CA THR A 311 17.78 14.31 4.92
C THR A 311 16.80 13.26 4.43
N PHE A 312 17.22 12.43 3.48
CA PHE A 312 16.35 11.39 2.96
C PHE A 312 16.43 10.11 3.81
N ASP A 313 16.06 10.23 5.08
CA ASP A 313 16.08 9.07 5.98
C ASP A 313 14.64 8.76 6.40
N HIS A 314 13.71 9.46 5.77
CA HIS A 314 12.29 9.31 6.02
C HIS A 314 11.61 9.74 4.71
N PHE A 315 10.31 9.49 4.56
CA PHE A 315 9.61 9.84 3.33
C PHE A 315 9.52 11.33 3.10
N VAL A 316 10.07 11.78 1.98
CA VAL A 316 10.05 13.20 1.68
C VAL A 316 8.95 13.58 0.70
N VAL A 317 8.06 14.48 1.13
CA VAL A 317 7.00 14.96 0.25
C VAL A 317 7.55 16.17 -0.55
N ILE A 318 7.52 16.07 -1.87
CA ILE A 318 7.97 17.16 -2.74
C ILE A 318 6.75 17.76 -3.43
N GLY A 319 6.40 19.00 -3.06
CA GLY A 319 5.25 19.67 -3.64
C GLY A 319 5.39 19.92 -5.13
N GLU A 320 4.40 19.46 -5.89
CA GLU A 320 4.40 19.58 -7.36
C GLU A 320 3.74 20.84 -7.93
N ARG A 321 2.94 21.53 -7.13
CA ARG A 321 2.16 22.69 -7.57
C ARG A 321 2.77 23.88 -8.30
N ILE A 322 3.99 24.29 -7.97
CA ILE A 322 4.57 25.41 -8.67
C ILE A 322 5.04 24.88 -10.03
N ASN A 323 4.06 24.64 -10.89
CA ASN A 323 4.26 24.11 -12.24
C ASN A 323 3.07 24.65 -13.05
N PRO A 324 3.34 25.51 -14.04
CA PRO A 324 2.29 26.10 -14.88
C PRO A 324 1.49 25.17 -15.80
N ALA A 325 1.93 23.92 -15.95
CA ALA A 325 1.23 22.99 -16.81
C ALA A 325 -0.22 22.77 -16.35
N GLY A 326 -1.16 23.06 -17.24
CA GLY A 326 -2.56 22.89 -16.93
C GLY A 326 -3.11 23.89 -15.93
N ARG A 327 -2.41 25.00 -15.73
CA ARG A 327 -2.85 26.02 -14.79
C ARG A 327 -2.85 27.41 -15.43
N LYS A 328 -4.02 27.83 -15.89
CA LYS A 328 -4.22 29.11 -16.56
C LYS A 328 -3.70 30.34 -15.82
N LYS A 329 -4.24 30.60 -14.63
CA LYS A 329 -3.83 31.75 -13.86
C LYS A 329 -2.34 31.82 -13.56
N LEU A 330 -1.74 30.68 -13.18
CA LEU A 330 -0.31 30.66 -12.86
C LEU A 330 0.57 30.90 -14.07
N TRP A 331 0.29 30.20 -15.16
CA TRP A 331 1.09 30.35 -16.38
C TRP A 331 1.10 31.79 -16.83
N ALA A 332 -0.08 32.43 -16.79
CA ALA A 332 -0.20 33.82 -17.21
C ALA A 332 0.57 34.75 -16.28
N GLU A 333 0.44 34.53 -14.97
CA GLU A 333 1.14 35.35 -14.00
C GLU A 333 2.66 35.21 -14.05
N MSE A 334 3.17 34.01 -14.34
CA MSE A 334 4.61 33.82 -14.43
C MSE A 334 5.07 34.61 -15.64
O MSE A 334 6.15 35.23 -15.63
CB MSE A 334 4.98 32.35 -14.63
CG MSE A 334 4.73 31.45 -13.43
SE MSE A 334 5.43 29.69 -13.75
CE MSE A 334 5.87 29.21 -11.92
N GLN A 335 4.24 34.59 -16.66
CA GLN A 335 4.50 35.29 -17.91
C GLN A 335 4.80 36.76 -17.62
N LYS A 336 4.11 37.33 -16.64
CA LYS A 336 4.30 38.73 -16.28
C LYS A 336 5.16 38.96 -15.04
N GLY A 337 5.90 37.92 -14.65
CA GLY A 337 6.78 38.03 -13.50
C GLY A 337 6.12 38.24 -12.15
N ASN A 338 5.01 37.55 -11.90
CA ASN A 338 4.30 37.67 -10.64
C ASN A 338 4.98 36.75 -9.61
N GLU A 339 5.68 37.36 -8.68
CA GLU A 339 6.39 36.61 -7.65
C GLU A 339 5.41 36.15 -6.58
N GLU A 340 4.57 37.07 -6.12
CA GLU A 340 3.61 36.77 -5.07
C GLU A 340 2.72 35.54 -5.26
N ILE A 341 2.22 35.31 -6.47
CA ILE A 341 1.38 34.14 -6.65
C ILE A 341 2.18 32.85 -6.44
N VAL A 342 3.46 32.88 -6.79
CA VAL A 342 4.29 31.69 -6.60
C VAL A 342 4.58 31.53 -5.10
N ILE A 343 4.92 32.63 -4.44
CA ILE A 343 5.20 32.61 -3.01
C ILE A 343 4.00 32.03 -2.25
N LYS A 344 2.80 32.30 -2.77
CA LYS A 344 1.57 31.80 -2.19
C LYS A 344 1.47 30.29 -2.33
N GLU A 345 1.71 29.78 -3.54
CA GLU A 345 1.65 28.33 -3.76
C GLU A 345 2.72 27.61 -2.95
N ALA A 346 3.83 28.28 -2.69
CA ALA A 346 4.93 27.67 -1.93
C ALA A 346 4.53 27.49 -0.47
N LYS A 347 4.09 28.57 0.16
CA LYS A 347 3.67 28.54 1.55
C LYS A 347 2.54 27.56 1.85
N THR A 348 1.48 27.60 1.03
CA THR A 348 0.37 26.70 1.24
C THR A 348 0.82 25.26 1.17
N GLN A 349 1.64 24.92 0.17
CA GLN A 349 2.13 23.56 0.06
C GLN A 349 2.91 23.14 1.30
N VAL A 350 3.77 24.03 1.79
CA VAL A 350 4.58 23.71 2.98
C VAL A 350 3.66 23.59 4.19
N GLU A 351 2.71 24.50 4.31
CA GLU A 351 1.76 24.46 5.43
C GLU A 351 1.10 23.08 5.43
N LYS A 352 0.81 22.56 4.25
CA LYS A 352 0.16 21.26 4.12
C LYS A 352 1.07 20.04 4.27
N GLY A 353 2.38 20.23 4.44
CA GLY A 353 3.25 19.08 4.62
C GLY A 353 4.42 18.88 3.67
N ALA A 354 4.51 19.70 2.63
CA ALA A 354 5.61 19.57 1.69
C ALA A 354 6.94 19.92 2.37
N GLU A 355 7.94 19.06 2.21
CA GLU A 355 9.26 19.32 2.78
C GLU A 355 10.23 19.88 1.75
N VAL A 356 9.86 19.74 0.49
CA VAL A 356 10.64 20.26 -0.64
C VAL A 356 9.64 20.72 -1.69
N LEU A 357 9.98 21.75 -2.45
CA LEU A 357 9.07 22.24 -3.48
C LEU A 357 9.66 22.14 -4.88
N ASP A 358 8.93 21.52 -5.79
CA ASP A 358 9.38 21.43 -7.18
C ASP A 358 9.04 22.78 -7.82
N VAL A 359 9.91 23.30 -8.67
CA VAL A 359 9.67 24.58 -9.31
C VAL A 359 9.95 24.43 -10.81
N ASN A 360 8.95 24.73 -11.63
CA ASN A 360 9.07 24.60 -13.08
C ASN A 360 8.46 25.85 -13.73
N PHE A 361 9.12 26.37 -14.76
CA PHE A 361 8.62 27.57 -15.41
C PHE A 361 8.03 27.35 -16.79
N GLY A 362 7.26 26.28 -16.94
CA GLY A 362 6.64 25.96 -18.21
C GLY A 362 7.50 26.16 -19.45
N ILE A 363 7.02 26.99 -20.37
CA ILE A 363 7.75 27.28 -21.59
C ILE A 363 8.79 28.33 -21.26
N GLU A 364 9.97 27.86 -20.89
CA GLU A 364 11.08 28.71 -20.49
C GLU A 364 11.37 29.89 -21.44
N SER A 365 11.30 29.66 -22.75
CA SER A 365 11.57 30.73 -23.71
C SER A 365 10.63 31.90 -23.46
N GLN A 366 9.47 31.63 -22.87
CA GLN A 366 8.49 32.66 -22.59
C GLN A 366 8.67 33.32 -21.22
N ILE A 367 9.61 32.82 -20.42
CA ILE A 367 9.83 33.38 -19.08
C ILE A 367 11.12 34.20 -18.97
N ASP A 368 11.03 35.29 -18.22
CA ASP A 368 12.16 36.17 -18.02
C ASP A 368 13.23 35.50 -17.16
N VAL A 369 14.45 35.43 -17.69
CA VAL A 369 15.57 34.80 -17.00
C VAL A 369 15.83 35.41 -15.62
N ARG A 370 15.55 36.71 -15.48
CA ARG A 370 15.75 37.39 -14.21
C ARG A 370 14.68 36.95 -13.22
N TYR A 371 13.51 36.61 -13.73
CA TYR A 371 12.41 36.15 -12.89
C TYR A 371 12.77 34.78 -12.27
N VAL A 372 13.38 33.93 -13.08
CA VAL A 372 13.79 32.60 -12.63
C VAL A 372 14.78 32.74 -11.48
N GLU A 373 15.83 33.54 -11.72
CA GLU A 373 16.88 33.77 -10.74
C GLU A 373 16.31 34.40 -9.47
N LYS A 374 15.27 35.20 -9.61
CA LYS A 374 14.67 35.86 -8.47
C LYS A 374 13.80 34.88 -7.67
N ILE A 375 13.00 34.09 -8.37
CA ILE A 375 12.15 33.11 -7.73
C ILE A 375 13.01 32.03 -7.05
N VAL A 376 14.04 31.57 -7.74
CA VAL A 376 14.94 30.54 -7.20
C VAL A 376 15.61 30.99 -5.90
N GLN A 377 16.04 32.24 -5.85
CA GLN A 377 16.68 32.78 -4.65
C GLN A 377 15.67 33.05 -3.52
N THR A 378 14.48 33.49 -3.90
CA THR A 378 13.43 33.83 -2.94
C THR A 378 12.72 32.75 -2.14
N LEU A 379 12.22 31.72 -2.82
CA LEU A 379 11.44 30.67 -2.16
C LEU A 379 12.07 29.99 -0.96
N PRO A 380 13.37 29.64 -1.05
CA PRO A 380 13.99 28.98 0.10
C PRO A 380 13.89 29.82 1.38
N TYR A 381 13.92 31.14 1.22
CA TYR A 381 13.81 32.02 2.39
C TYR A 381 12.38 32.21 2.89
N VAL A 382 11.44 32.54 2.00
CA VAL A 382 10.06 32.76 2.45
C VAL A 382 9.23 31.51 2.71
N SER A 383 9.56 30.40 2.06
CA SER A 383 8.82 29.16 2.24
C SER A 383 9.59 28.24 3.22
N ASN A 384 10.83 28.60 3.51
CA ASN A 384 11.69 27.87 4.43
C ASN A 384 12.23 26.53 3.95
N VAL A 385 11.77 26.03 2.83
CA VAL A 385 12.23 24.71 2.42
C VAL A 385 13.12 24.66 1.19
N PRO A 386 13.85 23.54 1.01
CA PRO A 386 14.74 23.33 -0.13
C PRO A 386 13.90 23.23 -1.41
N LEU A 387 14.55 23.36 -2.57
CA LEU A 387 13.82 23.27 -3.81
C LEU A 387 14.33 22.15 -4.71
N SER A 388 13.42 21.65 -5.53
CA SER A 388 13.70 20.65 -6.54
C SER A 388 13.57 21.54 -7.79
N LEU A 389 14.70 21.84 -8.42
CA LEU A 389 14.71 22.69 -9.61
C LEU A 389 14.38 21.87 -10.85
N ASP A 390 13.18 22.09 -11.38
CA ASP A 390 12.63 21.39 -12.54
C ASP A 390 12.85 22.31 -13.75
N ILE A 391 14.05 22.27 -14.31
CA ILE A 391 14.42 23.12 -15.43
C ILE A 391 14.97 22.30 -16.61
N GLN A 392 14.58 22.67 -17.82
CA GLN A 392 15.03 21.97 -19.02
C GLN A 392 16.25 22.58 -19.69
N ASN A 393 16.20 23.88 -19.97
CA ASN A 393 17.30 24.57 -20.63
C ASN A 393 18.58 24.52 -19.79
N VAL A 394 19.62 23.90 -20.33
CA VAL A 394 20.89 23.80 -19.62
C VAL A 394 21.40 25.18 -19.23
N ASP A 395 21.09 26.18 -20.04
CA ASP A 395 21.54 27.53 -19.75
C ASP A 395 20.83 28.14 -18.55
N LEU A 396 19.51 27.98 -18.49
CA LEU A 396 18.74 28.53 -17.36
C LEU A 396 19.06 27.70 -16.11
N THR A 397 19.40 26.43 -16.34
CA THR A 397 19.75 25.53 -15.27
C THR A 397 20.99 26.06 -14.56
N GLU A 398 21.96 26.53 -15.34
CA GLU A 398 23.15 27.06 -14.73
C GLU A 398 22.84 28.33 -13.94
N ARG A 399 21.95 29.16 -14.46
CA ARG A 399 21.59 30.40 -13.76
C ARG A 399 20.94 30.13 -12.40
N ALA A 400 20.05 29.14 -12.39
CA ALA A 400 19.32 28.77 -11.19
C ALA A 400 20.22 28.09 -10.15
N LEU A 401 21.09 27.18 -10.60
CA LEU A 401 22.00 26.51 -9.67
C LEU A 401 23.01 27.46 -9.06
N ARG A 402 23.51 28.39 -9.85
CA ARG A 402 24.51 29.30 -9.31
C ARG A 402 23.96 30.23 -8.26
N ALA A 403 22.67 30.56 -8.33
CA ALA A 403 22.08 31.45 -7.34
C ALA A 403 21.17 30.78 -6.31
N TYR A 404 21.17 29.46 -6.25
CA TYR A 404 20.32 28.75 -5.30
C TYR A 404 20.98 28.79 -3.92
N PRO A 405 20.23 29.22 -2.90
CA PRO A 405 20.72 29.33 -1.53
C PRO A 405 20.74 28.00 -0.78
N GLY A 406 21.70 27.14 -1.11
CA GLY A 406 21.81 25.86 -0.43
C GLY A 406 22.23 24.76 -1.38
N ARG A 407 21.80 23.54 -1.09
CA ARG A 407 22.11 22.38 -1.92
C ARG A 407 20.80 21.87 -2.46
N SER A 408 20.56 22.06 -3.75
CA SER A 408 19.30 21.65 -4.35
C SER A 408 19.23 20.25 -4.91
N LEU A 409 18.02 19.88 -5.33
CA LEU A 409 17.78 18.61 -5.98
C LEU A 409 17.43 19.09 -7.40
N PHE A 410 18.15 18.57 -8.40
CA PHE A 410 17.85 19.00 -9.76
C PHE A 410 16.96 17.95 -10.38
N ASN A 411 15.82 18.41 -10.90
CA ASN A 411 14.84 17.52 -11.47
C ASN A 411 14.95 17.26 -12.96
N SER A 412 15.26 16.00 -13.26
CA SER A 412 15.36 15.46 -14.60
C SER A 412 16.68 15.41 -15.36
N ALA A 413 17.14 14.18 -15.54
CA ALA A 413 18.32 13.86 -16.31
C ALA A 413 17.98 12.45 -16.79
N LYS A 414 17.76 12.30 -18.09
CA LYS A 414 17.43 10.99 -18.64
C LYS A 414 18.75 10.22 -18.76
N VAL A 415 18.66 8.90 -18.90
CA VAL A 415 19.85 8.06 -19.02
C VAL A 415 20.43 8.23 -20.42
N ASP A 416 21.07 9.38 -20.62
CA ASP A 416 21.70 9.76 -21.87
C ASP A 416 23.08 10.27 -21.50
N GLU A 417 24.12 9.67 -22.08
CA GLU A 417 25.48 10.09 -21.76
C GLU A 417 25.72 11.58 -21.88
N GLU A 418 25.26 12.18 -22.98
CA GLU A 418 25.46 13.60 -23.21
C GLU A 418 24.68 14.47 -22.22
N GLU A 419 23.40 14.20 -22.07
CA GLU A 419 22.56 14.96 -21.15
C GLU A 419 23.11 14.85 -19.72
N LEU A 420 23.36 13.62 -19.28
CA LEU A 420 23.87 13.34 -17.95
C LEU A 420 25.13 14.10 -17.62
N GLU A 421 26.12 14.00 -18.50
CA GLU A 421 27.37 14.67 -18.29
C GLU A 421 27.25 16.19 -18.15
N MSE A 422 26.42 16.79 -18.98
CA MSE A 422 26.24 18.24 -18.91
C MSE A 422 25.65 18.66 -17.57
O MSE A 422 26.10 19.61 -16.95
CB MSE A 422 25.33 18.73 -20.02
CG MSE A 422 25.97 18.79 -21.38
SE MSE A 422 24.92 19.90 -22.56
CE MSE A 422 23.75 18.55 -23.30
N LYS A 423 24.62 17.94 -17.14
CA LYS A 423 23.97 18.25 -15.88
C LYS A 423 24.86 17.92 -14.68
N ILE A 424 25.61 16.83 -14.78
CA ILE A 424 26.52 16.44 -13.71
C ILE A 424 27.62 17.47 -13.51
N ASN A 425 28.18 17.98 -14.60
CA ASN A 425 29.24 18.97 -14.49
C ASN A 425 28.72 20.28 -13.90
N LEU A 426 27.50 20.66 -14.21
CA LEU A 426 26.95 21.89 -13.63
C LEU A 426 26.78 21.70 -12.12
N LEU A 427 26.31 20.52 -11.73
CA LEU A 427 26.11 20.22 -10.32
C LEU A 427 27.44 20.11 -9.61
N LYS A 428 28.47 19.57 -10.28
CA LYS A 428 29.79 19.47 -9.68
C LYS A 428 30.36 20.83 -9.42
N LYS A 429 30.00 21.79 -10.26
CA LYS A 429 30.51 23.14 -10.09
C LYS A 429 29.73 23.98 -9.07
N TYR A 430 28.41 23.86 -9.08
CA TYR A 430 27.58 24.68 -8.18
C TYR A 430 26.98 23.96 -6.99
N GLY A 431 27.16 22.64 -6.94
CA GLY A 431 26.60 21.84 -5.87
C GLY A 431 25.21 21.35 -6.22
N GLY A 432 24.78 20.32 -5.51
CA GLY A 432 23.45 19.75 -5.72
C GLY A 432 23.38 18.26 -5.98
N THR A 433 22.15 17.74 -5.97
CA THR A 433 21.86 16.36 -6.22
C THR A 433 21.02 16.29 -7.48
N LEU A 434 20.91 15.10 -8.04
CA LEU A 434 20.22 14.91 -9.30
C LEU A 434 19.26 13.76 -9.32
N ILE A 435 18.08 14.01 -9.88
CA ILE A 435 17.09 12.94 -10.03
C ILE A 435 17.42 12.36 -11.39
N VAL A 436 17.59 11.05 -11.48
CA VAL A 436 17.87 10.44 -12.77
C VAL A 436 16.63 9.67 -13.17
N LEU A 437 16.07 10.03 -14.31
CA LEU A 437 14.86 9.39 -14.84
C LEU A 437 15.26 8.15 -15.64
N LEU A 438 14.82 6.98 -15.19
CA LEU A 438 15.16 5.72 -15.85
C LEU A 438 14.54 5.48 -17.22
N MSE A 439 14.97 6.28 -18.20
CA MSE A 439 14.50 6.15 -19.58
C MSE A 439 15.52 6.78 -20.50
O MSE A 439 16.26 7.69 -20.10
CB MSE A 439 13.13 6.81 -19.77
CG MSE A 439 13.13 8.32 -19.64
SE MSE A 439 11.43 9.05 -20.21
CE MSE A 439 10.29 8.23 -18.87
N GLY A 440 15.57 6.32 -21.75
CA GLY A 440 16.51 6.87 -22.70
C GLY A 440 15.80 7.52 -23.87
N LYS A 441 16.13 7.08 -25.08
CA LYS A 441 15.49 7.63 -26.28
C LYS A 441 13.98 7.58 -26.11
N ASP A 442 13.45 6.39 -25.90
CA ASP A 442 12.01 6.20 -25.73
C ASP A 442 11.70 5.67 -24.34
N VAL A 443 10.42 5.62 -24.01
CA VAL A 443 9.97 5.15 -22.70
C VAL A 443 10.00 3.63 -22.56
N PRO A 444 10.47 3.12 -21.41
CA PRO A 444 10.54 1.67 -21.17
C PRO A 444 9.13 1.12 -20.97
N LYS A 445 9.00 -0.20 -21.06
CA LYS A 445 7.70 -0.85 -20.88
C LYS A 445 7.77 -2.09 -20.00
N SER A 446 8.82 -2.20 -19.18
CA SER A 446 8.96 -3.35 -18.30
C SER A 446 10.00 -3.12 -17.22
N PHE A 447 9.97 -3.95 -16.20
CA PHE A 447 10.93 -3.86 -15.10
C PHE A 447 12.35 -4.11 -15.61
N GLU A 448 12.50 -5.14 -16.44
CA GLU A 448 13.80 -5.50 -16.98
C GLU A 448 14.48 -4.35 -17.72
N GLU A 449 13.73 -3.65 -18.56
CA GLU A 449 14.28 -2.52 -19.31
C GLU A 449 14.71 -1.41 -18.36
N ARG A 450 13.87 -1.11 -17.38
CA ARG A 450 14.17 -0.07 -16.40
C ARG A 450 15.42 -0.47 -15.64
N LYS A 451 15.62 -1.78 -15.51
CA LYS A 451 16.77 -2.34 -14.82
C LYS A 451 18.05 -2.09 -15.61
N GLU A 452 17.97 -2.22 -16.92
CA GLU A 452 19.12 -1.99 -17.77
C GLU A 452 19.50 -0.52 -17.68
N TYR A 453 18.50 0.35 -17.75
CA TYR A 453 18.72 1.79 -17.65
C TYR A 453 19.40 2.10 -16.31
N PHE A 454 18.94 1.44 -15.25
CA PHE A 454 19.52 1.65 -13.93
C PHE A 454 21.02 1.30 -14.02
N GLU A 455 21.31 0.13 -14.54
CA GLU A 455 22.69 -0.33 -14.67
C GLU A 455 23.52 0.58 -15.56
N LYS A 456 22.91 1.07 -16.64
CA LYS A 456 23.61 1.96 -17.56
C LYS A 456 23.92 3.27 -16.85
N ALA A 457 22.96 3.76 -16.07
CA ALA A 457 23.15 5.01 -15.34
C ALA A 457 24.29 4.85 -14.33
N LEU A 458 24.29 3.75 -13.59
CA LEU A 458 25.35 3.51 -12.61
C LEU A 458 26.72 3.55 -13.27
N LYS A 459 26.79 2.99 -14.47
CA LYS A 459 28.02 2.96 -15.26
C LYS A 459 28.53 4.38 -15.50
N ILE A 460 27.68 5.21 -16.10
CA ILE A 460 28.02 6.60 -16.39
C ILE A 460 28.29 7.39 -15.10
N LEU A 461 27.44 7.21 -14.09
CA LEU A 461 27.64 7.92 -12.83
C LEU A 461 28.97 7.52 -12.21
N GLU A 462 29.29 6.24 -12.23
CA GLU A 462 30.54 5.76 -11.67
C GLU A 462 31.70 6.40 -12.45
N ARG A 463 31.50 6.55 -13.75
CA ARG A 463 32.50 7.15 -14.64
C ARG A 463 32.77 8.61 -14.29
N HIS A 464 31.72 9.32 -13.88
CA HIS A 464 31.84 10.72 -13.50
C HIS A 464 31.93 10.89 -11.98
N ASP A 465 32.08 9.78 -11.26
CA ASP A 465 32.21 9.82 -9.80
C ASP A 465 31.04 10.62 -9.20
N PHE A 466 29.83 10.26 -9.58
CA PHE A 466 28.66 10.99 -9.12
C PHE A 466 27.57 10.05 -8.59
N SER A 467 27.93 8.80 -8.36
CA SER A 467 26.98 7.78 -7.87
C SER A 467 26.26 8.09 -6.56
N ASP A 468 26.89 8.87 -5.68
CA ASP A 468 26.32 9.19 -4.37
C ASP A 468 25.46 10.45 -4.32
N ARG A 469 25.27 11.08 -5.47
CA ARG A 469 24.50 12.31 -5.50
C ARG A 469 23.24 12.23 -6.36
N VAL A 470 22.66 11.03 -6.44
CA VAL A 470 21.47 10.86 -7.25
C VAL A 470 20.33 10.12 -6.55
N ILE A 471 19.14 10.34 -7.08
CA ILE A 471 17.93 9.68 -6.64
C ILE A 471 17.30 9.20 -7.94
N PHE A 472 16.80 7.97 -7.95
CA PHE A 472 16.21 7.42 -9.17
C PHE A 472 14.70 7.51 -9.27
N ASP A 473 14.24 7.92 -10.44
CA ASP A 473 12.82 8.02 -10.73
C ASP A 473 12.57 6.97 -11.82
N PRO A 474 11.88 5.87 -11.46
CA PRO A 474 11.56 4.77 -12.39
C PRO A 474 10.69 5.18 -13.57
N GLY A 475 10.05 6.33 -13.46
CA GLY A 475 9.22 6.81 -14.55
C GLY A 475 7.83 6.19 -14.59
N VAL A 476 6.89 6.85 -13.91
CA VAL A 476 5.50 6.41 -13.85
C VAL A 476 4.82 6.91 -15.12
N LEU A 477 4.16 6.00 -15.82
CA LEU A 477 3.46 6.34 -17.05
C LEU A 477 1.96 6.41 -16.80
N PRO A 478 1.22 7.12 -17.66
CA PRO A 478 -0.23 7.25 -17.51
C PRO A 478 -0.94 5.89 -17.54
N LEU A 479 -1.77 5.67 -16.53
CA LEU A 479 -2.53 4.44 -16.41
C LEU A 479 -3.44 4.38 -17.64
N GLY A 480 -4.02 5.53 -17.97
CA GLY A 480 -4.89 5.63 -19.13
C GLY A 480 -4.04 5.73 -20.38
N ALA A 481 -3.15 4.76 -20.54
CA ALA A 481 -2.25 4.67 -21.68
C ALA A 481 -1.35 3.46 -21.50
N GLU A 482 -1.89 2.43 -20.82
CA GLU A 482 -1.15 1.19 -20.57
C GLU A 482 0.18 1.53 -19.90
N GLY A 483 0.11 2.12 -18.71
CA GLY A 483 1.32 2.49 -18.00
C GLY A 483 1.99 1.34 -17.27
N LYS A 484 1.23 0.29 -16.97
CA LYS A 484 1.77 -0.88 -16.26
C LYS A 484 2.44 -0.47 -14.93
N PRO A 485 1.67 0.14 -14.02
CA PRO A 485 2.27 0.54 -12.73
C PRO A 485 2.98 -0.57 -11.97
N VAL A 486 2.56 -1.81 -12.19
CA VAL A 486 3.18 -2.94 -11.51
C VAL A 486 4.67 -3.04 -11.83
N GLU A 487 5.05 -2.69 -13.06
CA GLU A 487 6.45 -2.75 -13.47
C GLU A 487 7.26 -1.64 -12.82
N VAL A 488 6.59 -0.59 -12.37
CA VAL A 488 7.27 0.52 -11.72
C VAL A 488 7.47 0.15 -10.26
N LEU A 489 6.46 -0.50 -9.67
CA LEU A 489 6.54 -0.94 -8.29
C LEU A 489 7.72 -1.89 -8.13
N LYS A 490 7.89 -2.79 -9.12
CA LYS A 490 9.00 -3.74 -9.11
C LYS A 490 10.32 -2.98 -9.13
N THR A 491 10.39 -1.99 -10.02
CA THR A 491 11.59 -1.16 -10.18
C THR A 491 11.92 -0.43 -8.88
N ILE A 492 10.88 0.07 -8.20
CA ILE A 492 11.10 0.77 -6.94
C ILE A 492 11.70 -0.18 -5.91
N GLU A 493 11.13 -1.37 -5.80
CA GLU A 493 11.61 -2.36 -4.84
C GLU A 493 13.05 -2.74 -5.14
N PHE A 494 13.35 -2.92 -6.42
CA PHE A 494 14.70 -3.29 -6.85
C PHE A 494 15.73 -2.20 -6.53
N ILE A 495 15.46 -0.96 -6.95
CA ILE A 495 16.38 0.14 -6.71
C ILE A 495 16.60 0.34 -5.21
N SER A 496 15.52 0.16 -4.45
CA SER A 496 15.58 0.30 -3.00
C SER A 496 16.50 -0.74 -2.38
N SER A 497 16.43 -1.98 -2.87
CA SER A 497 17.26 -3.04 -2.35
C SER A 497 18.74 -2.76 -2.61
N LYS A 498 19.01 -1.95 -3.62
CA LYS A 498 20.37 -1.57 -3.96
C LYS A 498 20.87 -0.43 -3.10
N GLY A 499 20.01 0.08 -2.22
CA GLY A 499 20.40 1.16 -1.33
C GLY A 499 20.35 2.57 -1.90
N PHE A 500 19.50 2.81 -2.89
CA PHE A 500 19.38 4.13 -3.47
C PHE A 500 17.99 4.71 -3.19
N ASN A 501 17.92 6.03 -3.06
CA ASN A 501 16.64 6.68 -2.85
C ASN A 501 15.91 6.70 -4.20
N THR A 502 14.60 6.86 -4.13
CA THR A 502 13.79 6.89 -5.34
C THR A 502 12.73 7.97 -5.20
N THR A 503 12.11 8.32 -6.31
CA THR A 503 11.05 9.32 -6.33
C THR A 503 10.23 9.00 -7.57
N VAL A 504 9.05 9.58 -7.67
CA VAL A 504 8.21 9.40 -8.85
C VAL A 504 7.36 10.65 -9.05
N GLY A 505 7.02 10.93 -10.30
CA GLY A 505 6.14 12.06 -10.59
C GLY A 505 4.78 11.41 -10.45
N LEU A 506 4.32 11.33 -9.21
CA LEU A 506 3.07 10.66 -8.86
C LEU A 506 1.84 10.94 -9.68
N SER A 507 1.43 12.21 -9.73
CA SER A 507 0.21 12.57 -10.44
C SER A 507 0.15 12.19 -11.93
N ASN A 508 1.28 11.84 -12.52
CA ASN A 508 1.30 11.47 -13.92
C ASN A 508 0.72 10.07 -14.15
N LEU A 509 0.42 9.36 -13.07
CA LEU A 509 -0.17 8.03 -13.17
C LEU A 509 -1.63 8.16 -13.55
N SER A 510 -2.33 9.08 -12.89
CA SER A 510 -3.75 9.27 -13.12
C SER A 510 -4.12 10.42 -14.05
N PHE A 511 -3.17 10.86 -14.87
CA PHE A 511 -3.46 11.95 -15.80
C PHE A 511 -4.59 11.48 -16.72
N GLY A 512 -5.67 12.26 -16.77
CA GLY A 512 -6.79 11.89 -17.59
C GLY A 512 -7.50 10.65 -17.05
N LEU A 513 -8.11 10.82 -15.88
CA LEU A 513 -8.85 9.74 -15.23
C LEU A 513 -9.77 10.32 -14.17
N PRO A 514 -10.94 9.69 -13.97
CA PRO A 514 -11.88 10.18 -12.96
C PRO A 514 -11.37 9.70 -11.60
N ASP A 515 -11.53 10.52 -10.58
CA ASP A 515 -11.07 10.12 -9.26
C ASP A 515 -9.57 9.81 -9.29
N ARG A 516 -8.79 10.75 -9.80
CA ARG A 516 -7.35 10.53 -9.87
C ARG A 516 -6.75 10.45 -8.47
N SER A 517 -7.38 11.14 -7.53
CA SER A 517 -6.91 11.15 -6.15
C SER A 517 -6.76 9.74 -5.59
N TYR A 518 -7.72 8.89 -5.90
CA TYR A 518 -7.71 7.51 -5.42
C TYR A 518 -6.62 6.66 -6.05
N TYR A 519 -6.37 6.83 -7.35
CA TYR A 519 -5.31 6.07 -8.00
C TYR A 519 -3.96 6.56 -7.49
N ASN A 520 -3.85 7.87 -7.30
CA ASN A 520 -2.60 8.45 -6.81
C ASN A 520 -2.33 7.91 -5.41
N THR A 521 -3.35 7.92 -4.58
CA THR A 521 -3.23 7.44 -3.21
C THR A 521 -2.83 5.96 -3.18
N ALA A 522 -3.58 5.15 -3.92
CA ALA A 522 -3.30 3.72 -3.99
C ALA A 522 -1.87 3.46 -4.45
N PHE A 523 -1.44 4.15 -5.50
CA PHE A 523 -0.09 3.93 -6.00
C PHE A 523 0.97 4.32 -4.97
N LEU A 524 0.79 5.47 -4.32
CA LEU A 524 1.74 5.94 -3.32
C LEU A 524 1.90 4.92 -2.19
N VAL A 525 0.79 4.45 -1.63
CA VAL A 525 0.84 3.48 -0.54
C VAL A 525 1.65 2.26 -0.97
N LEU A 526 1.32 1.71 -2.13
CA LEU A 526 2.02 0.55 -2.67
C LEU A 526 3.51 0.87 -2.86
N GLY A 527 3.80 2.04 -3.44
CA GLY A 527 5.18 2.43 -3.66
C GLY A 527 5.99 2.51 -2.38
N ILE A 528 5.43 3.15 -1.37
CA ILE A 528 6.10 3.27 -0.09
C ILE A 528 6.38 1.91 0.56
N SER A 529 5.43 0.97 0.43
CA SER A 529 5.60 -0.36 1.00
C SER A 529 6.74 -1.08 0.29
N LYS A 530 7.08 -0.61 -0.90
CA LYS A 530 8.15 -1.21 -1.69
C LYS A 530 9.50 -0.51 -1.52
N GLY A 531 9.51 0.56 -0.73
CA GLY A 531 10.75 1.29 -0.51
C GLY A 531 10.82 2.71 -1.06
N LEU A 532 9.72 3.23 -1.61
CA LEU A 532 9.71 4.58 -2.16
C LEU A 532 10.07 5.63 -1.10
N SER A 533 11.15 6.39 -1.32
CA SER A 533 11.60 7.40 -0.35
C SER A 533 11.05 8.81 -0.52
N SER A 534 10.39 9.08 -1.64
CA SER A 534 9.85 10.42 -1.88
C SER A 534 8.93 10.41 -3.09
N ALA A 535 8.23 11.52 -3.31
CA ALA A 535 7.34 11.65 -4.43
C ALA A 535 7.00 13.10 -4.71
N ILE A 536 6.94 13.46 -5.99
CA ILE A 536 6.57 14.80 -6.35
C ILE A 536 5.05 14.61 -6.41
N MSE A 537 4.33 15.29 -5.54
CA MSE A 537 2.89 15.08 -5.45
C MSE A 537 2.14 16.33 -5.03
O MSE A 537 2.74 17.36 -4.71
CB MSE A 537 2.64 13.98 -4.41
CG MSE A 537 3.27 14.31 -3.07
SE MSE A 537 3.48 12.84 -1.84
CE MSE A 537 1.68 12.74 -1.18
N ASN A 538 0.82 16.23 -5.01
CA ASN A 538 -0.02 17.35 -4.63
C ASN A 538 -0.28 17.30 -3.13
N PRO A 539 0.37 18.18 -2.37
CA PRO A 539 0.19 18.21 -0.92
C PRO A 539 -1.15 18.84 -0.52
N LEU A 540 -1.90 19.33 -1.51
CA LEU A 540 -3.21 19.92 -1.26
C LEU A 540 -4.32 18.89 -1.40
N ASP A 541 -3.94 17.64 -1.66
CA ASP A 541 -4.91 16.55 -1.79
C ASP A 541 -5.02 15.97 -0.38
N GLU A 542 -5.98 16.45 0.40
CA GLU A 542 -6.13 15.98 1.78
C GLU A 542 -6.25 14.48 1.95
N THR A 543 -6.96 13.81 1.05
CA THR A 543 -7.09 12.35 1.17
C THR A 543 -5.73 11.71 0.98
N LEU A 544 -5.01 12.12 -0.06
CA LEU A 544 -3.70 11.53 -0.32
C LEU A 544 -2.73 11.77 0.84
N MSE A 545 -2.73 12.97 1.41
CA MSE A 545 -1.82 13.29 2.52
C MSE A 545 -2.14 12.56 3.83
O MSE A 545 -1.23 12.11 4.52
CB MSE A 545 -1.79 14.79 2.77
CG MSE A 545 -1.09 15.61 1.68
SE MSE A 545 0.80 15.18 1.47
CE MSE A 545 1.50 16.05 3.05
N LYS A 546 -3.43 12.45 4.17
CA LYS A 546 -3.80 11.75 5.40
C LYS A 546 -3.59 10.24 5.25
N THR A 547 -3.88 9.72 4.06
CA THR A 547 -3.69 8.29 3.83
C THR A 547 -2.19 8.04 3.86
N LEU A 548 -1.41 9.04 3.41
CA LEU A 548 0.03 8.91 3.45
C LEU A 548 0.50 8.88 4.90
N ASN A 549 -0.03 9.79 5.73
CA ASN A 549 0.36 9.83 7.14
C ASN A 549 -0.01 8.51 7.82
N ALA A 550 -1.24 8.04 7.58
CA ALA A 550 -1.69 6.79 8.16
C ALA A 550 -0.75 5.66 7.75
N THR A 551 -0.33 5.69 6.49
CA THR A 551 0.57 4.66 5.97
C THR A 551 1.91 4.61 6.70
N LEU A 552 2.51 5.77 6.96
CA LEU A 552 3.80 5.79 7.66
C LEU A 552 3.65 5.29 9.10
N VAL A 553 2.52 5.63 9.71
CA VAL A 553 2.24 5.24 11.08
C VAL A 553 2.11 3.72 11.18
N ILE A 554 1.42 3.13 10.20
CA ILE A 554 1.21 1.68 10.16
C ILE A 554 2.51 0.91 9.94
N LEU A 555 3.38 1.45 9.08
CA LEU A 555 4.64 0.78 8.78
C LEU A 555 5.72 1.12 9.79
N GLU A 556 5.32 1.74 10.90
CA GLU A 556 6.26 2.09 11.97
C GLU A 556 7.37 3.05 11.54
N LYS A 557 7.06 3.93 10.59
CA LYS A 557 8.03 4.91 10.11
C LYS A 557 7.88 6.18 10.93
N LYS A 558 6.84 6.19 11.76
CA LYS A 558 6.53 7.32 12.64
C LYS A 558 5.34 6.93 13.53
N GLU A 559 4.82 7.89 14.29
CA GLU A 559 3.68 7.62 15.17
C GLU A 559 2.68 8.76 15.21
N MSE B 1 -34.47 -53.81 1.96
CA MSE B 1 -33.69 -52.94 2.91
C MSE B 1 -32.20 -52.97 2.55
O MSE B 1 -31.43 -53.73 3.15
CB MSE B 1 -33.88 -53.44 4.34
CG MSE B 1 -33.57 -52.41 5.41
SE MSE B 1 -34.89 -50.99 5.45
CE MSE B 1 -33.89 -49.58 4.59
N ARG B 2 -31.82 -52.16 1.57
CA ARG B 2 -30.44 -52.09 1.13
C ARG B 2 -29.85 -50.72 1.48
N ASN B 3 -28.79 -50.72 2.29
CA ASN B 3 -28.15 -49.47 2.71
C ASN B 3 -27.39 -48.78 1.58
N ARG B 4 -26.94 -47.56 1.85
CA ARG B 4 -26.21 -46.75 0.88
C ARG B 4 -24.87 -47.37 0.47
N ARG B 5 -24.30 -48.20 1.33
CA ARG B 5 -23.03 -48.85 1.04
C ARG B 5 -23.19 -49.93 -0.02
N GLU B 6 -24.30 -50.67 0.05
CA GLU B 6 -24.55 -51.72 -0.94
C GLU B 6 -24.89 -51.09 -2.28
N VAL B 7 -25.79 -50.11 -2.25
CA VAL B 7 -26.21 -49.41 -3.46
C VAL B 7 -24.99 -48.81 -4.16
N SER B 8 -24.14 -48.14 -3.39
CA SER B 8 -22.95 -47.53 -3.94
C SER B 8 -22.08 -48.59 -4.60
N LYS B 9 -21.85 -49.69 -3.88
CA LYS B 9 -21.03 -50.79 -4.38
C LYS B 9 -21.49 -51.20 -5.78
N LEU B 10 -22.81 -51.25 -5.97
CA LEU B 10 -23.38 -51.64 -7.25
C LEU B 10 -23.03 -50.63 -8.35
N LEU B 11 -23.31 -49.35 -8.08
CA LEU B 11 -23.03 -48.28 -9.02
C LEU B 11 -21.57 -48.28 -9.45
N SER B 12 -20.69 -48.65 -8.53
CA SER B 12 -19.27 -48.69 -8.82
C SER B 12 -18.92 -49.86 -9.74
N GLU B 13 -19.91 -50.73 -9.99
CA GLU B 13 -19.68 -51.89 -10.85
C GLU B 13 -20.28 -51.75 -12.24
N ARG B 14 -21.43 -51.08 -12.33
CA ARG B 14 -22.08 -50.89 -13.63
C ARG B 14 -23.08 -49.74 -13.61
N VAL B 15 -23.17 -49.05 -14.74
CA VAL B 15 -24.09 -47.93 -14.86
C VAL B 15 -25.51 -48.48 -14.85
N LEU B 16 -26.29 -48.04 -13.88
CA LEU B 16 -27.67 -48.50 -13.74
C LEU B 16 -28.64 -47.75 -14.62
N LEU B 17 -29.79 -48.37 -14.84
CA LEU B 17 -30.84 -47.78 -15.67
C LEU B 17 -32.07 -47.55 -14.81
N LEU B 18 -32.62 -46.35 -14.87
CA LEU B 18 -33.81 -46.02 -14.10
C LEU B 18 -35.04 -46.36 -14.94
N ASP B 19 -36.22 -45.95 -14.50
CA ASP B 19 -37.44 -46.22 -15.26
C ASP B 19 -37.97 -44.99 -16.01
N GLY B 20 -39.17 -45.10 -16.55
CA GLY B 20 -39.76 -43.98 -17.27
C GLY B 20 -40.89 -43.32 -16.51
N ALA B 21 -41.75 -42.60 -17.24
CA ALA B 21 -42.89 -41.90 -16.64
C ALA B 21 -44.08 -42.82 -16.34
N TYR B 22 -44.93 -42.39 -15.42
CA TYR B 22 -46.09 -43.20 -15.05
C TYR B 22 -47.43 -42.56 -15.44
N GLY B 23 -47.49 -41.24 -15.37
CA GLY B 23 -48.72 -40.54 -15.70
C GLY B 23 -49.39 -40.96 -17.01
N THR B 24 -48.60 -41.03 -18.08
CA THR B 24 -49.13 -41.40 -19.38
C THR B 24 -49.66 -42.83 -19.41
N GLU B 25 -48.93 -43.74 -18.76
CA GLU B 25 -49.33 -45.14 -18.71
C GLU B 25 -50.65 -45.22 -17.92
N PHE B 26 -50.74 -44.43 -16.87
CA PHE B 26 -51.92 -44.37 -16.02
C PHE B 26 -53.02 -43.66 -16.80
N MSE B 27 -52.60 -42.71 -17.64
CA MSE B 27 -53.53 -41.94 -18.46
C MSE B 27 -54.00 -42.80 -19.62
O MSE B 27 -53.84 -42.46 -20.79
CB MSE B 27 -52.82 -40.69 -19.00
CG MSE B 27 -53.76 -39.56 -19.34
SE MSE B 27 -54.81 -39.07 -17.79
CE MSE B 27 -53.96 -37.38 -17.38
N LYS B 28 -54.60 -43.94 -19.26
CA LYS B 28 -55.11 -44.90 -20.23
C LYS B 28 -56.16 -45.78 -19.56
N TYR B 29 -56.22 -45.72 -18.23
CA TYR B 29 -57.16 -46.55 -17.49
C TYR B 29 -58.45 -45.87 -17.05
N GLY B 30 -58.74 -44.72 -17.64
CA GLY B 30 -59.95 -44.02 -17.28
C GLY B 30 -59.84 -43.22 -16.00
N TYR B 31 -58.63 -43.17 -15.45
CA TYR B 31 -58.40 -42.41 -14.23
C TYR B 31 -57.67 -41.14 -14.63
N ASP B 32 -58.18 -40.01 -14.13
CA ASP B 32 -57.58 -38.72 -14.42
C ASP B 32 -57.09 -38.10 -13.13
N ASP B 33 -57.58 -38.64 -12.01
CA ASP B 33 -57.20 -38.15 -10.69
C ASP B 33 -55.70 -38.27 -10.45
N LEU B 34 -55.22 -37.59 -9.41
CA LEU B 34 -53.80 -37.60 -9.06
C LEU B 34 -53.25 -39.03 -9.12
N PRO B 35 -52.19 -39.22 -9.91
CA PRO B 35 -51.56 -40.55 -10.07
C PRO B 35 -51.27 -41.25 -8.75
N GLU B 36 -51.00 -40.47 -7.70
CA GLU B 36 -50.71 -41.04 -6.39
C GLU B 36 -51.93 -41.75 -5.82
N GLU B 37 -53.13 -41.30 -6.21
CA GLU B 37 -54.35 -41.92 -5.71
C GLU B 37 -54.57 -43.33 -6.23
N LEU B 38 -53.95 -43.65 -7.36
CA LEU B 38 -54.09 -44.97 -7.93
C LEU B 38 -53.48 -46.06 -7.04
N ASN B 39 -52.57 -45.66 -6.15
CA ASN B 39 -51.96 -46.64 -5.23
C ASN B 39 -53.04 -47.24 -4.34
N ILE B 40 -54.17 -46.56 -4.27
CA ILE B 40 -55.29 -47.01 -3.47
C ILE B 40 -56.40 -47.51 -4.40
N LYS B 41 -56.91 -46.61 -5.23
CA LYS B 41 -57.98 -46.92 -6.16
C LYS B 41 -57.66 -48.03 -7.15
N ALA B 42 -56.42 -48.10 -7.62
CA ALA B 42 -56.05 -49.13 -8.59
C ALA B 42 -54.60 -49.58 -8.47
N PRO B 43 -54.27 -50.27 -7.36
CA PRO B 43 -52.90 -50.75 -7.14
C PRO B 43 -52.44 -51.70 -8.25
N ASP B 44 -53.40 -52.28 -8.95
CA ASP B 44 -53.10 -53.22 -10.02
C ASP B 44 -52.48 -52.50 -11.22
N VAL B 45 -52.98 -51.31 -11.52
CA VAL B 45 -52.44 -50.55 -12.63
C VAL B 45 -51.00 -50.18 -12.30
N VAL B 46 -50.81 -49.59 -11.13
CA VAL B 46 -49.49 -49.19 -10.65
C VAL B 46 -48.49 -50.34 -10.77
N LEU B 47 -48.97 -51.54 -10.47
CA LEU B 47 -48.13 -52.74 -10.54
C LEU B 47 -47.77 -53.10 -11.98
N LYS B 48 -48.73 -52.93 -12.88
CA LYS B 48 -48.53 -53.24 -14.29
C LYS B 48 -47.43 -52.35 -14.87
N VAL B 49 -47.58 -51.04 -14.69
CA VAL B 49 -46.60 -50.09 -15.20
C VAL B 49 -45.21 -50.35 -14.59
N HIS B 50 -45.15 -50.57 -13.27
CA HIS B 50 -43.85 -50.86 -12.66
C HIS B 50 -43.21 -52.06 -13.34
N ARG B 51 -44.00 -53.09 -13.59
CA ARG B 51 -43.53 -54.30 -14.23
C ARG B 51 -43.00 -54.11 -15.65
N SER B 52 -43.70 -53.30 -16.43
CA SER B 52 -43.30 -53.04 -17.82
C SER B 52 -41.87 -52.48 -17.90
N TYR B 53 -41.57 -51.52 -17.04
CA TYR B 53 -40.23 -50.93 -17.02
C TYR B 53 -39.19 -51.97 -16.65
N ILE B 54 -39.51 -52.82 -15.67
CA ILE B 54 -38.61 -53.87 -15.24
C ILE B 54 -38.34 -54.84 -16.39
N GLU B 55 -39.40 -55.27 -17.06
CA GLU B 55 -39.27 -56.18 -18.20
C GLU B 55 -38.45 -55.49 -19.29
N SER B 56 -38.60 -54.17 -19.39
CA SER B 56 -37.90 -53.37 -20.38
C SER B 56 -36.41 -53.13 -20.10
N GLY B 57 -35.94 -53.58 -18.94
CA GLY B 57 -34.52 -53.41 -18.62
C GLY B 57 -34.18 -52.56 -17.41
N SER B 58 -35.20 -51.92 -16.82
CA SER B 58 -34.99 -51.05 -15.67
C SER B 58 -34.29 -51.72 -14.48
N ASP B 59 -33.19 -51.11 -14.03
CA ASP B 59 -32.41 -51.61 -12.89
C ASP B 59 -32.99 -51.05 -11.60
N VAL B 60 -33.62 -49.88 -11.71
CA VAL B 60 -34.22 -49.19 -10.58
C VAL B 60 -35.58 -48.63 -11.02
N ILE B 61 -36.57 -48.70 -10.15
CA ILE B 61 -37.89 -48.15 -10.46
C ILE B 61 -38.24 -47.21 -9.32
N LEU B 62 -39.00 -46.16 -9.61
CA LEU B 62 -39.36 -45.18 -8.58
C LEU B 62 -40.78 -45.40 -8.08
N THR B 63 -40.99 -45.12 -6.80
CA THR B 63 -42.29 -45.31 -6.22
C THR B 63 -43.24 -44.23 -6.72
N ASN B 64 -44.48 -44.63 -6.98
CA ASN B 64 -45.52 -43.74 -7.46
C ASN B 64 -45.94 -42.80 -6.34
N THR B 65 -45.02 -41.92 -5.91
CA THR B 65 -45.30 -40.98 -4.83
C THR B 65 -44.74 -39.57 -5.06
N PHE B 66 -44.45 -39.21 -6.30
CA PHE B 66 -43.88 -37.89 -6.55
C PHE B 66 -44.57 -36.76 -5.79
N GLY B 67 -45.90 -36.72 -5.82
CA GLY B 67 -46.61 -35.67 -5.13
C GLY B 67 -47.08 -36.00 -3.73
N ALA B 68 -46.63 -37.15 -3.20
CA ALA B 68 -47.06 -37.61 -1.88
C ALA B 68 -46.32 -37.05 -0.66
N THR B 69 -46.59 -35.78 -0.33
CA THR B 69 -46.02 -35.14 0.84
C THR B 69 -47.16 -34.34 1.47
N ARG B 70 -47.09 -34.08 2.76
CA ARG B 70 -48.15 -33.37 3.43
C ARG B 70 -48.60 -32.08 2.74
N MSE B 71 -47.68 -31.12 2.63
CA MSE B 71 -47.99 -29.84 2.02
C MSE B 71 -48.58 -29.92 0.62
O MSE B 71 -49.49 -29.17 0.28
CB MSE B 71 -46.74 -28.96 2.00
CG MSE B 71 -46.12 -28.78 3.37
SE MSE B 71 -44.49 -27.74 3.36
CE MSE B 71 -45.07 -26.32 4.52
N LYS B 72 -48.07 -30.84 -0.20
CA LYS B 72 -48.58 -30.99 -1.56
C LYS B 72 -50.01 -31.57 -1.59
N LEU B 73 -50.24 -32.64 -0.83
CA LEU B 73 -51.57 -33.27 -0.79
C LEU B 73 -52.66 -32.41 -0.14
N ARG B 74 -52.26 -31.52 0.76
CA ARG B 74 -53.20 -30.65 1.47
C ARG B 74 -53.90 -29.64 0.54
N LYS B 75 -53.28 -29.35 -0.59
CA LYS B 75 -53.84 -28.42 -1.54
C LYS B 75 -54.87 -29.10 -2.44
N HIS B 76 -55.17 -30.36 -2.10
CA HIS B 76 -56.15 -31.14 -2.86
C HIS B 76 -57.08 -31.86 -1.88
N GLY B 77 -56.90 -31.63 -0.60
CA GLY B 77 -57.73 -32.28 0.40
C GLY B 77 -57.51 -33.78 0.39
N LEU B 78 -56.25 -34.21 0.47
CA LEU B 78 -55.87 -35.62 0.51
C LEU B 78 -54.76 -35.86 1.52
N GLU B 79 -54.50 -34.86 2.36
CA GLU B 79 -53.43 -34.98 3.34
C GLU B 79 -53.62 -36.15 4.30
N ASP B 80 -54.88 -36.54 4.49
CA ASP B 80 -55.20 -37.63 5.40
C ASP B 80 -55.00 -38.99 4.73
N LYS B 81 -54.61 -38.97 3.45
CA LYS B 81 -54.38 -40.20 2.72
C LYS B 81 -52.88 -40.38 2.52
N LEU B 82 -52.11 -39.47 3.12
CA LEU B 82 -50.65 -39.51 3.02
C LEU B 82 -50.09 -40.90 3.28
N ASP B 83 -50.29 -41.38 4.50
CA ASP B 83 -49.77 -42.68 4.89
C ASP B 83 -50.18 -43.83 3.95
N PRO B 84 -51.49 -44.05 3.76
CA PRO B 84 -51.94 -45.13 2.88
C PRO B 84 -51.32 -45.01 1.49
N ILE B 85 -51.28 -43.79 0.97
CA ILE B 85 -50.71 -43.54 -0.34
C ILE B 85 -49.26 -44.02 -0.41
N VAL B 86 -48.43 -43.49 0.49
CA VAL B 86 -47.01 -43.87 0.52
C VAL B 86 -46.78 -45.34 0.83
N ARG B 87 -47.46 -45.88 1.83
CA ARG B 87 -47.25 -47.28 2.18
C ARG B 87 -47.60 -48.26 1.06
N ASN B 88 -48.76 -48.08 0.45
CA ASN B 88 -49.15 -48.97 -0.64
C ASN B 88 -48.15 -48.85 -1.77
N ALA B 89 -47.75 -47.62 -2.09
CA ALA B 89 -46.80 -47.35 -3.16
C ALA B 89 -45.55 -48.20 -3.06
N VAL B 90 -44.91 -48.20 -1.89
CA VAL B 90 -43.71 -49.00 -1.71
C VAL B 90 -44.05 -50.48 -1.90
N ARG B 91 -45.11 -50.92 -1.22
CA ARG B 91 -45.56 -52.31 -1.29
C ARG B 91 -45.78 -52.75 -2.73
N ILE B 92 -46.44 -51.89 -3.52
CA ILE B 92 -46.70 -52.21 -4.91
C ILE B 92 -45.37 -52.31 -5.67
N ALA B 93 -44.50 -51.34 -5.42
CA ALA B 93 -43.20 -51.30 -6.06
C ALA B 93 -42.38 -52.50 -5.62
N ARG B 94 -42.38 -52.76 -4.32
CA ARG B 94 -41.63 -53.90 -3.80
C ARG B 94 -42.09 -55.14 -4.53
N ARG B 95 -43.39 -55.39 -4.53
CA ARG B 95 -43.95 -56.56 -5.21
C ARG B 95 -43.51 -56.66 -6.67
N ALA B 96 -43.51 -55.53 -7.38
CA ALA B 96 -43.12 -55.53 -8.77
C ALA B 96 -41.61 -55.61 -8.97
N ALA B 97 -40.86 -55.04 -8.03
CA ALA B 97 -39.41 -55.00 -8.11
C ALA B 97 -38.70 -56.34 -8.15
N GLY B 98 -39.20 -57.31 -7.41
CA GLY B 98 -38.53 -58.59 -7.37
C GLY B 98 -37.22 -58.31 -6.65
N GLU B 99 -36.10 -58.50 -7.34
CA GLU B 99 -34.82 -58.23 -6.72
C GLU B 99 -34.31 -56.83 -7.07
N LYS B 100 -34.88 -56.24 -8.11
CA LYS B 100 -34.49 -54.90 -8.55
C LYS B 100 -34.60 -53.89 -7.40
N LEU B 101 -33.96 -52.74 -7.55
CA LEU B 101 -33.96 -51.70 -6.53
C LEU B 101 -35.24 -50.86 -6.54
N VAL B 102 -35.63 -50.36 -5.37
CA VAL B 102 -36.82 -49.53 -5.24
C VAL B 102 -36.49 -48.24 -4.50
N PHE B 103 -36.69 -47.11 -5.14
CA PHE B 103 -36.40 -45.82 -4.51
C PHE B 103 -37.66 -45.03 -4.21
N GLY B 104 -37.71 -44.47 -3.01
CA GLY B 104 -38.84 -43.65 -2.62
C GLY B 104 -38.70 -42.36 -3.40
N ASP B 105 -39.69 -42.06 -4.23
CA ASP B 105 -39.68 -40.87 -5.06
C ASP B 105 -40.42 -39.70 -4.43
N ILE B 106 -39.71 -38.60 -4.19
CA ILE B 106 -40.30 -37.40 -3.58
C ILE B 106 -40.05 -36.14 -4.44
N GLY B 107 -41.12 -35.43 -4.74
CA GLY B 107 -41.00 -34.21 -5.52
C GLY B 107 -41.25 -33.00 -4.65
N PRO B 108 -40.98 -31.78 -5.15
CA PRO B 108 -41.17 -30.53 -4.40
C PRO B 108 -42.63 -30.30 -4.04
N THR B 109 -42.86 -29.36 -3.14
CA THR B 109 -44.21 -29.04 -2.66
C THR B 109 -45.06 -28.07 -3.47
N GLY B 110 -44.41 -27.20 -4.23
CA GLY B 110 -45.13 -26.23 -5.02
C GLY B 110 -45.17 -24.88 -4.33
N GLU B 111 -44.61 -24.83 -3.11
CA GLU B 111 -44.57 -23.60 -2.34
C GLU B 111 -43.16 -23.00 -2.29
N LEU B 112 -43.07 -21.67 -2.43
CA LEU B 112 -41.79 -20.96 -2.40
C LEU B 112 -41.39 -20.58 -0.98
N PRO B 113 -40.07 -20.49 -0.72
CA PRO B 113 -39.57 -20.12 0.61
C PRO B 113 -39.91 -18.68 0.90
N TYR B 114 -39.84 -18.29 2.17
CA TYR B 114 -40.11 -16.92 2.57
C TYR B 114 -38.81 -16.16 2.28
N PRO B 115 -38.90 -14.90 1.79
CA PRO B 115 -40.07 -14.09 1.47
C PRO B 115 -40.72 -14.31 0.09
N LEU B 116 -40.13 -15.13 -0.76
CA LEU B 116 -40.73 -15.38 -2.07
C LEU B 116 -42.07 -16.08 -1.83
N GLY B 117 -42.35 -16.35 -0.56
CA GLY B 117 -43.57 -17.01 -0.16
C GLY B 117 -43.70 -16.79 1.33
N SER B 118 -44.23 -17.78 2.04
CA SER B 118 -44.38 -17.66 3.49
C SER B 118 -43.91 -18.93 4.20
N THR B 119 -43.34 -19.86 3.44
CA THR B 119 -42.87 -21.11 4.03
C THR B 119 -41.44 -20.98 4.58
N LEU B 120 -41.27 -21.32 5.85
CA LEU B 120 -39.96 -21.24 6.49
C LEU B 120 -39.24 -22.58 6.36
N PHE B 121 -37.93 -22.55 6.54
CA PHE B 121 -37.14 -23.78 6.44
C PHE B 121 -37.75 -24.87 7.31
N GLU B 122 -38.13 -24.50 8.52
CA GLU B 122 -38.70 -25.46 9.44
C GLU B 122 -39.87 -26.26 8.85
N GLU B 123 -40.87 -25.55 8.32
CA GLU B 123 -42.03 -26.22 7.75
C GLU B 123 -41.64 -27.24 6.68
N PHE B 124 -40.81 -26.83 5.72
CA PHE B 124 -40.37 -27.74 4.66
C PHE B 124 -39.73 -28.97 5.29
N TYR B 125 -38.96 -28.75 6.35
CA TYR B 125 -38.24 -29.81 7.03
C TYR B 125 -39.16 -30.94 7.53
N GLU B 126 -40.11 -30.57 8.39
CA GLU B 126 -41.04 -31.53 8.95
C GLU B 126 -41.90 -32.19 7.88
N ASN B 127 -42.17 -31.43 6.82
CA ASN B 127 -42.99 -31.93 5.71
C ASN B 127 -42.32 -33.15 5.08
N PHE B 128 -41.05 -33.00 4.72
CA PHE B 128 -40.34 -34.09 4.11
C PHE B 128 -40.01 -35.21 5.11
N ARG B 129 -39.69 -34.85 6.35
CA ARG B 129 -39.35 -35.86 7.35
C ARG B 129 -40.43 -36.94 7.41
N GLU B 130 -41.65 -36.53 7.75
CA GLU B 130 -42.79 -37.43 7.85
C GLU B 130 -42.89 -38.42 6.68
N THR B 131 -42.79 -37.91 5.46
CA THR B 131 -42.89 -38.79 4.31
C THR B 131 -41.73 -39.78 4.21
N VAL B 132 -40.51 -39.33 4.48
CA VAL B 132 -39.33 -40.22 4.42
C VAL B 132 -39.41 -41.35 5.46
N GLU B 133 -40.01 -41.07 6.61
CA GLU B 133 -40.14 -42.07 7.66
C GLU B 133 -41.02 -43.22 7.17
N ILE B 134 -42.09 -42.89 6.47
CA ILE B 134 -42.98 -43.90 5.97
C ILE B 134 -42.24 -44.80 5.00
N MSE B 135 -41.51 -44.21 4.06
CA MSE B 135 -40.76 -44.97 3.07
C MSE B 135 -39.71 -45.87 3.73
O MSE B 135 -39.51 -47.01 3.32
CB MSE B 135 -40.07 -44.04 2.07
CG MSE B 135 -40.95 -43.52 0.94
SE MSE B 135 -40.13 -41.94 0.14
CE MSE B 135 -40.86 -40.71 1.39
N VAL B 136 -39.02 -45.32 4.73
CA VAL B 136 -37.98 -46.06 5.43
C VAL B 136 -38.63 -47.22 6.21
N GLU B 137 -39.64 -46.92 7.01
CA GLU B 137 -40.33 -47.95 7.78
C GLU B 137 -40.80 -49.07 6.84
N GLU B 138 -41.31 -48.69 5.67
CA GLU B 138 -41.78 -49.69 4.70
C GLU B 138 -40.64 -50.33 3.94
N GLY B 139 -39.44 -49.81 4.10
CA GLY B 139 -38.28 -50.38 3.44
C GLY B 139 -37.95 -50.01 2.00
N VAL B 140 -37.39 -48.84 1.78
CA VAL B 140 -37.00 -48.41 0.43
C VAL B 140 -35.47 -48.57 0.33
N ASP B 141 -34.98 -48.90 -0.87
CA ASP B 141 -33.56 -49.08 -1.09
C ASP B 141 -32.83 -47.75 -1.30
N GLY B 142 -33.59 -46.66 -1.14
CA GLY B 142 -33.02 -45.33 -1.34
C GLY B 142 -34.13 -44.32 -1.54
N ILE B 143 -33.76 -43.04 -1.53
CA ILE B 143 -34.71 -41.96 -1.71
C ILE B 143 -34.19 -40.94 -2.72
N ILE B 144 -35.04 -40.53 -3.65
CA ILE B 144 -34.65 -39.56 -4.65
C ILE B 144 -35.57 -38.35 -4.62
N PHE B 145 -34.98 -37.17 -4.59
CA PHE B 145 -35.75 -35.93 -4.57
C PHE B 145 -35.68 -35.38 -5.98
N GLU B 146 -36.72 -35.66 -6.76
CA GLU B 146 -36.80 -35.22 -8.14
C GLU B 146 -37.41 -33.85 -8.36
N THR B 147 -37.01 -33.26 -9.47
CA THR B 147 -37.54 -31.98 -9.93
C THR B 147 -37.64 -30.84 -8.90
N PHE B 148 -36.54 -30.57 -8.18
CA PHE B 148 -36.55 -29.49 -7.21
C PHE B 148 -36.07 -28.22 -7.89
N SER B 149 -36.68 -27.10 -7.54
CA SER B 149 -36.35 -25.81 -8.14
C SER B 149 -35.69 -24.83 -7.18
N ASP B 150 -35.72 -25.13 -5.89
CA ASP B 150 -35.14 -24.24 -4.88
C ASP B 150 -34.13 -24.97 -3.99
N ILE B 151 -32.99 -24.32 -3.73
CA ILE B 151 -31.94 -24.92 -2.90
C ILE B 151 -32.30 -25.03 -1.42
N LEU B 152 -33.10 -24.09 -0.93
CA LEU B 152 -33.50 -24.13 0.47
C LEU B 152 -34.43 -25.32 0.70
N GLU B 153 -35.40 -25.49 -0.21
CA GLU B 153 -36.35 -26.61 -0.08
C GLU B 153 -35.63 -27.94 -0.27
N LEU B 154 -34.70 -28.01 -1.22
CA LEU B 154 -33.98 -29.27 -1.43
C LEU B 154 -33.11 -29.52 -0.20
N LYS B 155 -32.71 -28.44 0.46
CA LYS B 155 -31.86 -28.53 1.66
C LYS B 155 -32.64 -29.16 2.80
N ALA B 156 -33.85 -28.66 3.02
CA ALA B 156 -34.71 -29.18 4.07
C ALA B 156 -34.98 -30.65 3.80
N ALA B 157 -35.26 -30.97 2.53
CA ALA B 157 -35.54 -32.34 2.13
C ALA B 157 -34.42 -33.30 2.50
N VAL B 158 -33.20 -33.01 2.06
CA VAL B 158 -32.07 -33.89 2.32
C VAL B 158 -31.70 -34.00 3.80
N LEU B 159 -31.78 -32.89 4.52
CA LEU B 159 -31.45 -32.87 5.93
C LEU B 159 -32.50 -33.63 6.73
N ALA B 160 -33.74 -33.61 6.25
CA ALA B 160 -34.82 -34.32 6.91
C ALA B 160 -34.63 -35.82 6.70
N ALA B 161 -34.37 -36.20 5.46
CA ALA B 161 -34.16 -37.61 5.13
C ALA B 161 -32.98 -38.20 5.89
N ARG B 162 -31.90 -37.43 6.00
CA ARG B 162 -30.70 -37.90 6.68
C ARG B 162 -30.86 -38.01 8.19
N GLU B 163 -31.76 -37.21 8.76
CA GLU B 163 -32.02 -37.24 10.19
C GLU B 163 -32.90 -38.45 10.54
N VAL B 164 -33.50 -39.07 9.52
CA VAL B 164 -34.33 -40.24 9.74
C VAL B 164 -33.42 -41.46 9.70
N SER B 165 -32.54 -41.50 8.71
CA SER B 165 -31.63 -42.61 8.57
C SER B 165 -30.32 -42.21 7.90
N ARG B 166 -29.20 -42.69 8.44
CA ARG B 166 -27.90 -42.37 7.87
C ARG B 166 -27.46 -43.49 6.95
N ASP B 167 -28.31 -44.50 6.81
CA ASP B 167 -27.99 -45.65 5.97
C ASP B 167 -28.73 -45.64 4.63
N VAL B 168 -29.76 -44.80 4.52
CA VAL B 168 -30.53 -44.71 3.30
C VAL B 168 -29.76 -43.95 2.22
N PHE B 169 -29.74 -44.51 1.01
CA PHE B 169 -29.05 -43.90 -0.12
C PHE B 169 -29.89 -42.73 -0.63
N LEU B 170 -29.38 -41.50 -0.49
CA LEU B 170 -30.11 -40.31 -0.93
C LEU B 170 -29.60 -39.71 -2.24
N ILE B 171 -30.52 -39.48 -3.18
CA ILE B 171 -30.19 -38.87 -4.46
C ILE B 171 -30.91 -37.52 -4.49
N ALA B 172 -30.18 -36.45 -4.77
CA ALA B 172 -30.77 -35.11 -4.81
C ALA B 172 -30.76 -34.53 -6.23
N HIS B 173 -31.93 -34.09 -6.67
CA HIS B 173 -32.10 -33.53 -7.99
C HIS B 173 -32.62 -32.09 -7.99
N MSE B 174 -32.27 -31.38 -9.05
CA MSE B 174 -32.74 -30.02 -9.26
C MSE B 174 -33.03 -29.93 -10.75
O MSE B 174 -32.44 -30.66 -11.55
CB MSE B 174 -31.68 -28.97 -8.88
CG MSE B 174 -31.73 -28.52 -7.44
SE MSE B 174 -30.75 -26.87 -7.18
CE MSE B 174 -32.16 -25.76 -6.49
N THR B 175 -33.96 -29.08 -11.13
CA THR B 175 -34.31 -28.93 -12.53
C THR B 175 -33.97 -27.51 -12.93
N PHE B 176 -33.34 -27.35 -14.10
CA PHE B 176 -32.96 -26.02 -14.58
C PHE B 176 -33.63 -25.66 -15.91
N ASP B 177 -33.64 -24.37 -16.23
CA ASP B 177 -34.23 -23.89 -17.47
C ASP B 177 -33.17 -23.93 -18.56
N GLU B 178 -33.51 -23.42 -19.74
CA GLU B 178 -32.57 -23.40 -20.85
C GLU B 178 -31.40 -22.46 -20.57
N LYS B 179 -31.61 -21.55 -19.63
CA LYS B 179 -30.57 -20.61 -19.24
C LYS B 179 -29.64 -21.29 -18.24
N GLY B 180 -30.02 -22.48 -17.81
CA GLY B 180 -29.22 -23.22 -16.85
C GLY B 180 -29.38 -22.73 -15.42
N ARG B 181 -30.59 -22.29 -15.09
CA ARG B 181 -30.87 -21.80 -13.74
C ARG B 181 -32.16 -22.38 -13.20
N SER B 182 -32.21 -22.57 -11.88
CA SER B 182 -33.39 -23.09 -11.22
C SER B 182 -34.33 -21.90 -11.07
N LEU B 183 -35.56 -22.16 -10.66
CA LEU B 183 -36.54 -21.08 -10.48
C LEU B 183 -36.04 -19.95 -9.60
N THR B 184 -35.22 -20.26 -8.60
CA THR B 184 -34.74 -19.21 -7.71
C THR B 184 -33.32 -18.72 -8.00
N GLY B 185 -32.80 -19.08 -9.18
CA GLY B 185 -31.48 -18.60 -9.58
C GLY B 185 -30.23 -19.45 -9.43
N THR B 186 -30.37 -20.67 -8.93
CA THR B 186 -29.23 -21.55 -8.72
C THR B 186 -28.76 -22.21 -10.01
N ASP B 187 -27.47 -22.12 -10.29
CA ASP B 187 -26.94 -22.74 -11.51
C ASP B 187 -26.29 -24.06 -11.11
N PRO B 188 -25.97 -24.92 -12.10
CA PRO B 188 -25.35 -26.22 -11.86
C PRO B 188 -24.16 -26.19 -10.88
N ALA B 189 -23.20 -25.31 -11.15
CA ALA B 189 -22.02 -25.19 -10.29
C ALA B 189 -22.42 -24.93 -8.84
N ASN B 190 -23.25 -23.91 -8.62
CA ASN B 190 -23.72 -23.57 -7.28
C ASN B 190 -24.32 -24.84 -6.67
N PHE B 191 -25.30 -25.43 -7.36
CA PHE B 191 -25.95 -26.65 -6.91
C PHE B 191 -24.93 -27.69 -6.45
N ALA B 192 -23.98 -28.01 -7.33
CA ALA B 192 -22.96 -28.99 -7.01
C ALA B 192 -22.13 -28.62 -5.79
N ILE B 193 -21.63 -27.38 -5.76
CA ILE B 193 -20.79 -26.92 -4.66
C ILE B 193 -21.52 -26.87 -3.31
N THR B 194 -22.78 -26.48 -3.34
CA THR B 194 -23.59 -26.36 -2.12
C THR B 194 -24.05 -27.70 -1.54
N PHE B 195 -24.40 -28.65 -2.40
CA PHE B 195 -24.88 -29.95 -1.93
C PHE B 195 -23.83 -31.06 -1.92
N ASP B 196 -22.76 -30.88 -2.68
CA ASP B 196 -21.73 -31.90 -2.73
C ASP B 196 -21.21 -32.28 -1.35
N GLU B 197 -21.02 -31.29 -0.48
CA GLU B 197 -20.50 -31.56 0.84
C GLU B 197 -21.52 -32.04 1.87
N LEU B 198 -22.78 -32.11 1.47
CA LEU B 198 -23.83 -32.58 2.36
C LEU B 198 -23.82 -34.11 2.40
N ASP B 199 -24.44 -34.69 3.41
CA ASP B 199 -24.46 -36.14 3.56
C ASP B 199 -25.36 -36.89 2.58
N ILE B 200 -25.41 -36.43 1.33
CA ILE B 200 -26.22 -37.10 0.32
C ILE B 200 -25.29 -37.98 -0.50
N ASP B 201 -25.85 -38.98 -1.17
CA ASP B 201 -25.06 -39.92 -1.95
C ASP B 201 -24.92 -39.62 -3.44
N ALA B 202 -25.91 -38.97 -4.02
CA ALA B 202 -25.84 -38.66 -5.44
C ALA B 202 -26.52 -37.34 -5.78
N LEU B 203 -26.16 -36.80 -6.93
CA LEU B 203 -26.74 -35.55 -7.40
C LEU B 203 -27.19 -35.82 -8.83
N GLY B 204 -28.16 -35.05 -9.30
CA GLY B 204 -28.63 -35.25 -10.65
C GLY B 204 -29.58 -34.19 -11.14
N ILE B 205 -29.97 -34.32 -12.40
CA ILE B 205 -30.89 -33.38 -13.01
C ILE B 205 -31.97 -34.15 -13.75
N ASN B 206 -33.20 -33.68 -13.68
CA ASN B 206 -34.28 -34.31 -14.40
C ASN B 206 -35.31 -33.25 -14.77
N CYS B 207 -36.08 -33.53 -15.82
CA CYS B 207 -37.13 -32.65 -16.30
C CYS B 207 -36.68 -31.34 -16.95
N SER B 208 -37.66 -30.52 -17.29
CA SER B 208 -37.48 -29.21 -17.94
C SER B 208 -36.87 -29.20 -19.33
N LEU B 209 -35.93 -30.10 -19.59
CA LEU B 209 -35.27 -30.14 -20.90
C LEU B 209 -35.08 -31.55 -21.45
N GLY B 210 -34.59 -31.62 -22.69
CA GLY B 210 -34.33 -32.88 -23.33
C GLY B 210 -32.86 -33.27 -23.25
N PRO B 211 -32.51 -34.49 -23.70
CA PRO B 211 -31.15 -35.05 -23.70
C PRO B 211 -30.07 -34.10 -24.20
N GLU B 212 -30.33 -33.44 -25.32
CA GLU B 212 -29.36 -32.53 -25.90
C GLU B 212 -29.19 -31.26 -25.08
N GLU B 213 -30.32 -30.64 -24.72
CA GLU B 213 -30.31 -29.41 -23.93
C GLU B 213 -29.64 -29.61 -22.58
N ILE B 214 -29.96 -30.72 -21.92
CA ILE B 214 -29.42 -31.02 -20.60
C ILE B 214 -27.90 -31.24 -20.65
N LEU B 215 -27.41 -31.82 -21.75
CA LEU B 215 -26.00 -32.13 -21.90
C LEU B 215 -25.00 -31.12 -21.31
N PRO B 216 -25.07 -29.84 -21.70
CA PRO B 216 -24.14 -28.83 -21.17
C PRO B 216 -24.34 -28.57 -19.68
N ILE B 217 -25.59 -28.52 -19.26
CA ILE B 217 -25.93 -28.28 -17.86
C ILE B 217 -25.41 -29.42 -16.99
N PHE B 218 -25.56 -30.65 -17.48
CA PHE B 218 -25.13 -31.83 -16.74
C PHE B 218 -23.60 -31.88 -16.68
N GLN B 219 -22.95 -31.37 -17.73
CA GLN B 219 -21.50 -31.36 -17.77
C GLN B 219 -20.92 -30.52 -16.65
N GLU B 220 -21.44 -29.31 -16.49
CA GLU B 220 -20.98 -28.41 -15.44
C GLU B 220 -21.12 -29.04 -14.06
N LEU B 221 -22.29 -29.62 -13.80
CA LEU B 221 -22.58 -30.28 -12.53
C LEU B 221 -21.50 -31.30 -12.20
N SER B 222 -21.24 -32.20 -13.14
CA SER B 222 -20.25 -33.25 -12.94
C SER B 222 -18.84 -32.73 -12.64
N GLN B 223 -18.57 -31.51 -13.07
CA GLN B 223 -17.26 -30.90 -12.86
C GLN B 223 -16.97 -30.53 -11.41
N TYR B 224 -18.02 -30.23 -10.65
CA TYR B 224 -17.83 -29.81 -9.28
C TYR B 224 -18.29 -30.80 -8.21
N THR B 225 -18.55 -32.04 -8.62
CA THR B 225 -18.98 -33.06 -7.67
C THR B 225 -18.32 -34.40 -7.93
N ASP B 226 -18.08 -35.16 -6.85
CA ASP B 226 -17.48 -36.48 -6.94
C ASP B 226 -18.54 -37.56 -6.78
N LYS B 227 -19.63 -37.22 -6.08
CA LYS B 227 -20.73 -38.15 -5.84
C LYS B 227 -21.28 -38.76 -7.13
N PHE B 228 -22.19 -39.71 -6.98
CA PHE B 228 -22.78 -40.36 -8.14
C PHE B 228 -23.68 -39.37 -8.87
N LEU B 229 -23.78 -39.51 -10.18
CA LEU B 229 -24.61 -38.60 -10.97
C LEU B 229 -25.83 -39.34 -11.54
N VAL B 230 -26.92 -38.61 -11.70
CA VAL B 230 -28.14 -39.17 -12.26
C VAL B 230 -28.77 -38.19 -13.23
N VAL B 231 -29.32 -38.69 -14.33
CA VAL B 231 -29.94 -37.83 -15.32
C VAL B 231 -31.19 -38.46 -15.94
N GLU B 232 -32.28 -37.69 -15.94
CA GLU B 232 -33.55 -38.12 -16.51
C GLU B 232 -34.15 -36.97 -17.31
N PRO B 233 -33.70 -36.79 -18.56
CA PRO B 233 -34.20 -35.71 -19.41
C PRO B 233 -35.62 -35.98 -19.91
N ASN B 234 -36.36 -34.92 -20.22
CA ASN B 234 -37.71 -35.06 -20.76
C ASN B 234 -37.56 -35.52 -22.20
N ALA B 235 -38.59 -36.15 -22.75
CA ALA B 235 -38.57 -36.63 -24.11
C ALA B 235 -38.76 -35.44 -25.06
N GLY B 236 -38.03 -34.37 -24.78
CA GLY B 236 -38.13 -33.16 -25.58
C GLY B 236 -39.15 -32.20 -24.98
N THR B 245 -50.87 -32.37 -24.59
CA THR B 245 -49.40 -32.10 -24.71
C THR B 245 -48.64 -33.42 -24.88
N VAL B 246 -47.54 -33.37 -25.61
CA VAL B 246 -46.73 -34.56 -25.83
C VAL B 246 -45.25 -34.28 -25.98
N TYR B 247 -44.45 -35.32 -25.78
CA TYR B 247 -42.99 -35.24 -25.88
C TYR B 247 -42.58 -36.12 -27.06
N PRO B 248 -42.41 -35.50 -28.25
CA PRO B 248 -42.03 -36.08 -29.53
C PRO B 248 -40.73 -36.87 -29.66
N LEU B 249 -39.81 -36.74 -28.71
CA LEU B 249 -38.56 -37.47 -28.81
C LEU B 249 -38.81 -38.97 -28.72
N LYS B 250 -38.58 -39.66 -29.83
CA LYS B 250 -38.79 -41.10 -29.91
C LYS B 250 -37.63 -41.90 -29.33
N PRO B 251 -37.91 -43.15 -28.90
CA PRO B 251 -36.94 -44.06 -28.31
C PRO B 251 -35.54 -44.09 -28.95
N HIS B 252 -35.48 -43.94 -30.26
CA HIS B 252 -34.19 -43.97 -30.95
C HIS B 252 -33.36 -42.69 -30.79
N ASP B 253 -33.97 -41.54 -31.08
CA ASP B 253 -33.27 -40.28 -30.97
C ASP B 253 -32.89 -39.96 -29.52
N PHE B 254 -33.56 -40.62 -28.58
CA PHE B 254 -33.29 -40.42 -27.16
C PHE B 254 -32.11 -41.29 -26.71
N ALA B 255 -32.15 -42.56 -27.09
CA ALA B 255 -31.11 -43.52 -26.73
C ALA B 255 -29.75 -43.20 -27.34
N VAL B 256 -29.75 -42.56 -28.50
CA VAL B 256 -28.49 -42.22 -29.17
C VAL B 256 -27.69 -41.19 -28.36
N HIS B 257 -28.32 -40.61 -27.35
CA HIS B 257 -27.69 -39.62 -26.50
C HIS B 257 -26.97 -40.24 -25.30
N ILE B 258 -27.31 -41.47 -24.96
CA ILE B 258 -26.69 -42.14 -23.83
C ILE B 258 -25.18 -42.04 -23.83
N ASP B 259 -24.54 -42.54 -24.89
CA ASP B 259 -23.08 -42.52 -24.99
C ASP B 259 -22.46 -41.19 -24.54
N SER B 260 -23.20 -40.11 -24.73
CA SER B 260 -22.73 -38.78 -24.34
C SER B 260 -22.62 -38.68 -22.82
N TYR B 261 -23.74 -38.95 -22.15
CA TYR B 261 -23.79 -38.89 -20.69
C TYR B 261 -22.80 -39.86 -20.06
N TYR B 262 -22.73 -41.07 -20.60
CA TYR B 262 -21.83 -42.08 -20.09
C TYR B 262 -20.40 -41.54 -20.07
N GLU B 263 -20.08 -40.73 -21.07
CA GLU B 263 -18.75 -40.13 -21.19
C GLU B 263 -18.51 -39.17 -20.03
N LEU B 264 -19.49 -38.30 -19.77
CA LEU B 264 -19.38 -37.34 -18.69
C LEU B 264 -19.26 -38.04 -17.33
N GLY B 265 -19.74 -39.27 -17.26
CA GLY B 265 -19.66 -40.02 -16.01
C GLY B 265 -20.97 -40.29 -15.29
N VAL B 266 -22.09 -40.28 -16.02
CA VAL B 266 -23.37 -40.55 -15.40
C VAL B 266 -23.35 -41.97 -14.82
N ASN B 267 -24.00 -42.16 -13.68
CA ASN B 267 -24.04 -43.48 -13.04
C ASN B 267 -25.39 -44.14 -13.27
N ILE B 268 -26.43 -43.31 -13.23
CA ILE B 268 -27.80 -43.77 -13.45
C ILE B 268 -28.39 -42.95 -14.58
N PHE B 269 -28.91 -43.63 -15.60
CA PHE B 269 -29.50 -42.94 -16.74
C PHE B 269 -30.96 -43.30 -16.93
N GLY B 270 -31.75 -42.30 -17.28
CA GLY B 270 -33.17 -42.53 -17.49
C GLY B 270 -33.83 -41.36 -18.18
N GLY B 271 -35.16 -41.39 -18.20
CA GLY B 271 -35.92 -40.32 -18.80
C GLY B 271 -36.95 -39.86 -17.81
N CYS B 272 -37.56 -38.71 -18.07
CA CYS B 272 -38.58 -38.17 -17.18
C CYS B 272 -39.92 -38.16 -17.91
N CYS B 273 -40.78 -37.20 -17.56
CA CYS B 273 -42.09 -37.10 -18.18
C CYS B 273 -42.05 -37.18 -19.70
N GLY B 274 -42.74 -38.18 -20.25
CA GLY B 274 -42.77 -38.38 -21.69
C GLY B 274 -42.13 -39.68 -22.16
N THR B 275 -41.28 -40.27 -21.33
CA THR B 275 -40.62 -41.53 -21.70
C THR B 275 -41.55 -42.72 -21.47
N THR B 276 -41.32 -43.79 -22.21
CA THR B 276 -42.15 -44.98 -22.11
C THR B 276 -41.33 -46.25 -22.00
N PRO B 277 -41.99 -47.41 -21.88
CA PRO B 277 -41.24 -48.67 -21.76
C PRO B 277 -40.36 -48.89 -22.98
N GLU B 278 -40.86 -48.47 -24.15
CA GLU B 278 -40.12 -48.60 -25.40
C GLU B 278 -38.80 -47.86 -25.25
N HIS B 279 -38.87 -46.60 -24.78
CA HIS B 279 -37.68 -45.80 -24.59
C HIS B 279 -36.70 -46.53 -23.67
N VAL B 280 -37.23 -47.14 -22.62
CA VAL B 280 -36.39 -47.88 -21.68
C VAL B 280 -35.77 -49.09 -22.37
N LYS B 281 -36.58 -49.83 -23.12
CA LYS B 281 -36.09 -51.02 -23.81
C LYS B 281 -34.88 -50.71 -24.67
N LEU B 282 -34.89 -49.54 -25.31
CA LEU B 282 -33.77 -49.16 -26.16
C LEU B 282 -32.56 -48.68 -25.35
N PHE B 283 -32.82 -48.12 -24.16
CA PHE B 283 -31.72 -47.67 -23.31
C PHE B 283 -30.84 -48.86 -22.94
N ARG B 284 -31.49 -49.93 -22.47
CA ARG B 284 -30.81 -51.16 -22.07
C ARG B 284 -30.09 -51.77 -23.27
N LYS B 285 -30.64 -51.55 -24.46
CA LYS B 285 -30.05 -52.09 -25.68
C LYS B 285 -28.80 -51.28 -26.05
N VAL B 286 -28.90 -49.96 -25.99
CA VAL B 286 -27.78 -49.09 -26.32
C VAL B 286 -26.73 -49.06 -25.21
N LEU B 287 -27.20 -49.00 -23.97
CA LEU B 287 -26.30 -48.96 -22.82
C LEU B 287 -25.67 -50.33 -22.57
N GLY B 288 -26.49 -51.29 -22.16
CA GLY B 288 -25.99 -52.62 -21.90
C GLY B 288 -25.16 -52.66 -20.63
N ASN B 289 -24.04 -53.37 -20.66
CA ASN B 289 -23.18 -53.47 -19.50
C ASN B 289 -21.91 -52.63 -19.65
N ARG B 290 -21.87 -51.52 -18.91
CA ARG B 290 -20.73 -50.63 -18.95
C ARG B 290 -20.36 -50.13 -17.55
N LYS B 291 -19.07 -50.16 -17.24
CA LYS B 291 -18.59 -49.71 -15.95
C LYS B 291 -18.54 -48.18 -15.99
N PRO B 292 -18.93 -47.52 -14.90
CA PRO B 292 -18.93 -46.06 -14.84
C PRO B 292 -17.56 -45.45 -15.11
N LEU B 293 -17.54 -44.42 -15.94
CA LEU B 293 -16.32 -43.73 -16.30
C LEU B 293 -15.87 -42.84 -15.14
N GLN B 294 -14.71 -43.15 -14.57
CA GLN B 294 -14.18 -42.37 -13.45
C GLN B 294 -13.94 -40.91 -13.80
N ARG B 295 -14.11 -40.04 -12.82
CA ARG B 295 -13.91 -38.61 -13.04
C ARG B 295 -13.47 -37.92 -11.75
N LYS B 296 -12.71 -36.83 -11.89
CA LYS B 296 -12.26 -36.07 -10.75
C LYS B 296 -13.25 -34.92 -10.56
N LYS B 297 -12.75 -33.71 -10.37
CA LYS B 297 -13.61 -32.55 -10.19
C LYS B 297 -12.83 -31.28 -9.90
N LYS B 298 -13.28 -30.17 -10.49
CA LYS B 298 -12.64 -28.88 -10.24
C LYS B 298 -12.86 -28.63 -8.75
N ARG B 299 -11.87 -28.06 -8.09
CA ARG B 299 -12.01 -27.78 -6.67
C ARG B 299 -11.83 -26.28 -6.44
N ILE B 300 -12.87 -25.62 -5.94
CA ILE B 300 -12.79 -24.19 -5.69
C ILE B 300 -13.33 -23.82 -4.33
N PHE B 301 -12.87 -22.70 -3.80
CA PHE B 301 -13.32 -22.21 -2.50
C PHE B 301 -14.37 -21.14 -2.78
N ALA B 302 -15.61 -21.42 -2.40
CA ALA B 302 -16.68 -20.46 -2.66
C ALA B 302 -17.89 -20.61 -1.75
N VAL B 303 -18.57 -19.49 -1.48
CA VAL B 303 -19.78 -19.48 -0.67
C VAL B 303 -20.92 -19.14 -1.62
N SER B 304 -22.15 -19.32 -1.17
CA SER B 304 -23.27 -19.04 -2.06
C SER B 304 -24.59 -18.66 -1.43
N SER B 305 -25.48 -18.21 -2.32
CA SER B 305 -26.83 -17.82 -1.99
C SER B 305 -27.64 -18.50 -3.09
N PRO B 306 -28.97 -18.41 -3.05
CA PRO B 306 -29.78 -19.05 -4.09
C PRO B 306 -29.36 -18.66 -5.52
N SER B 307 -29.12 -17.38 -5.74
CA SER B 307 -28.76 -16.90 -7.08
C SER B 307 -27.29 -16.51 -7.28
N LYS B 308 -26.51 -16.46 -6.21
CA LYS B 308 -25.10 -16.07 -6.35
C LYS B 308 -24.06 -17.03 -5.77
N LEU B 309 -23.03 -17.30 -6.56
CA LEU B 309 -21.91 -18.14 -6.15
C LEU B 309 -20.70 -17.21 -6.12
N VAL B 310 -20.15 -16.96 -4.93
CA VAL B 310 -18.99 -16.08 -4.80
C VAL B 310 -17.72 -16.89 -4.64
N THR B 311 -16.87 -16.84 -5.65
CA THR B 311 -15.61 -17.58 -5.63
C THR B 311 -14.52 -16.66 -5.14
N PHE B 312 -13.67 -17.18 -4.25
CA PHE B 312 -12.57 -16.39 -3.71
C PHE B 312 -11.36 -16.43 -4.65
N ASP B 313 -11.59 -16.03 -5.89
CA ASP B 313 -10.52 -15.97 -6.89
C ASP B 313 -10.28 -14.50 -7.25
N HIS B 314 -10.83 -13.61 -6.41
CA HIS B 314 -10.71 -12.17 -6.58
C HIS B 314 -11.03 -11.58 -5.20
N PHE B 315 -10.61 -10.36 -4.92
CA PHE B 315 -10.86 -9.76 -3.62
C PHE B 315 -12.34 -9.69 -3.31
N VAL B 316 -12.72 -10.27 -2.17
CA VAL B 316 -14.12 -10.28 -1.76
C VAL B 316 -14.40 -9.23 -0.69
N VAL B 317 -15.37 -8.36 -0.97
CA VAL B 317 -15.78 -7.30 -0.04
C VAL B 317 -16.94 -7.87 0.79
N ILE B 318 -16.74 -7.93 2.10
CA ILE B 318 -17.75 -8.44 3.04
C ILE B 318 -18.31 -7.29 3.86
N GLY B 319 -19.52 -6.84 3.52
CA GLY B 319 -20.16 -5.76 4.24
C GLY B 319 -20.24 -6.05 5.73
N GLU B 320 -19.95 -5.05 6.56
CA GLU B 320 -19.94 -5.20 8.01
C GLU B 320 -21.05 -4.43 8.74
N ARG B 321 -21.84 -3.67 8.02
CA ARG B 321 -22.88 -2.84 8.65
C ARG B 321 -23.94 -3.55 9.48
N ILE B 322 -24.29 -4.79 9.14
CA ILE B 322 -25.31 -5.50 9.91
C ILE B 322 -24.75 -6.01 11.24
N ASN B 323 -24.34 -5.06 12.09
CA ASN B 323 -23.78 -5.36 13.40
C ASN B 323 -24.31 -4.30 14.35
N PRO B 324 -24.81 -4.70 15.53
CA PRO B 324 -25.36 -3.79 16.54
C PRO B 324 -24.36 -2.88 17.24
N ALA B 325 -23.09 -3.26 17.25
CA ALA B 325 -22.06 -2.46 17.92
C ALA B 325 -22.13 -0.98 17.56
N GLY B 326 -22.26 -0.14 18.60
CA GLY B 326 -22.32 1.30 18.40
C GLY B 326 -23.52 1.82 17.64
N ARG B 327 -24.50 0.96 17.39
CA ARG B 327 -25.69 1.37 16.66
C ARG B 327 -26.94 1.03 17.46
N LYS B 328 -27.11 1.68 18.61
CA LYS B 328 -28.26 1.43 19.47
C LYS B 328 -29.56 1.58 18.68
N LYS B 329 -29.49 2.29 17.57
CA LYS B 329 -30.65 2.49 16.70
C LYS B 329 -31.02 1.12 16.13
N LEU B 330 -30.06 0.53 15.42
CA LEU B 330 -30.24 -0.78 14.81
C LEU B 330 -30.46 -1.84 15.89
N TRP B 331 -29.82 -1.65 17.04
CA TRP B 331 -29.93 -2.59 18.15
C TRP B 331 -31.37 -2.73 18.64
N ALA B 332 -32.06 -1.60 18.77
CA ALA B 332 -33.44 -1.58 19.24
C ALA B 332 -34.37 -2.36 18.33
N GLU B 333 -34.16 -2.24 17.03
CA GLU B 333 -34.99 -2.92 16.06
C GLU B 333 -34.81 -4.44 16.13
N MSE B 334 -33.58 -4.88 16.33
CA MSE B 334 -33.29 -6.30 16.44
C MSE B 334 -33.94 -6.82 17.72
O MSE B 334 -34.33 -7.98 17.81
CB MSE B 334 -31.79 -6.56 16.46
CG MSE B 334 -31.12 -6.49 15.09
SE MSE B 334 -29.27 -7.04 15.16
CE MSE B 334 -28.58 -5.87 13.78
N GLN B 335 -34.03 -5.93 18.71
CA GLN B 335 -34.63 -6.28 19.99
C GLN B 335 -36.12 -6.56 19.78
N LYS B 336 -36.77 -5.70 19.01
CA LYS B 336 -38.19 -5.85 18.74
C LYS B 336 -38.46 -6.88 17.64
N GLY B 337 -37.65 -6.85 16.59
CA GLY B 337 -37.83 -7.80 15.50
C GLY B 337 -38.02 -7.18 14.13
N ASN B 338 -37.61 -5.93 13.97
CA ASN B 338 -37.75 -5.25 12.69
C ASN B 338 -36.80 -5.87 11.66
N GLU B 339 -37.36 -6.26 10.51
CA GLU B 339 -36.58 -6.87 9.45
C GLU B 339 -36.27 -5.84 8.36
N GLU B 340 -37.25 -4.99 8.06
CA GLU B 340 -37.09 -3.97 7.04
C GLU B 340 -35.76 -3.23 7.16
N ILE B 341 -35.42 -2.80 8.37
CA ILE B 341 -34.18 -2.08 8.59
C ILE B 341 -32.97 -2.90 8.16
N VAL B 342 -32.91 -4.16 8.59
CA VAL B 342 -31.80 -5.04 8.24
C VAL B 342 -31.77 -5.24 6.73
N ILE B 343 -32.95 -5.39 6.14
CA ILE B 343 -33.07 -5.59 4.70
C ILE B 343 -32.52 -4.37 3.95
N LYS B 344 -32.91 -3.19 4.42
CA LYS B 344 -32.47 -1.94 3.82
C LYS B 344 -30.94 -1.84 3.88
N GLU B 345 -30.38 -2.12 5.06
CA GLU B 345 -28.94 -2.09 5.27
C GLU B 345 -28.20 -3.11 4.43
N ALA B 346 -28.89 -4.21 4.12
CA ALA B 346 -28.29 -5.28 3.31
C ALA B 346 -28.16 -4.87 1.85
N LYS B 347 -29.24 -4.36 1.27
CA LYS B 347 -29.23 -3.95 -0.13
C LYS B 347 -28.26 -2.82 -0.44
N THR B 348 -28.17 -1.86 0.47
CA THR B 348 -27.28 -0.71 0.30
C THR B 348 -25.82 -1.12 0.19
N GLN B 349 -25.40 -2.04 1.05
CA GLN B 349 -24.01 -2.51 1.01
C GLN B 349 -23.74 -3.24 -0.29
N VAL B 350 -24.71 -4.04 -0.73
CA VAL B 350 -24.58 -4.79 -1.98
C VAL B 350 -24.52 -3.79 -3.14
N GLU B 351 -25.37 -2.78 -3.07
CA GLU B 351 -25.42 -1.75 -4.10
C GLU B 351 -24.11 -0.98 -4.11
N LYS B 352 -23.37 -1.03 -3.01
CA LYS B 352 -22.10 -0.32 -2.93
C LYS B 352 -20.90 -1.18 -3.29
N GLY B 353 -21.13 -2.46 -3.56
CA GLY B 353 -20.03 -3.33 -3.93
C GLY B 353 -19.78 -4.51 -3.02
N ALA B 354 -20.54 -4.62 -1.93
CA ALA B 354 -20.38 -5.75 -1.03
C ALA B 354 -20.86 -7.02 -1.73
N GLU B 355 -20.02 -8.04 -1.82
CA GLU B 355 -20.41 -9.29 -2.46
C GLU B 355 -20.89 -10.29 -1.43
N VAL B 356 -20.48 -10.08 -0.18
CA VAL B 356 -20.88 -10.94 0.93
C VAL B 356 -21.31 -10.01 2.05
N LEU B 357 -22.30 -10.43 2.82
CA LEU B 357 -22.78 -9.61 3.92
C LEU B 357 -22.58 -10.30 5.26
N ASP B 358 -21.99 -9.57 6.20
CA ASP B 358 -21.75 -10.11 7.53
C ASP B 358 -23.00 -9.82 8.33
N VAL B 359 -23.38 -10.74 9.20
CA VAL B 359 -24.57 -10.57 10.02
C VAL B 359 -24.26 -11.01 11.44
N ASN B 360 -24.45 -10.09 12.37
CA ASN B 360 -24.20 -10.33 13.80
C ASN B 360 -25.42 -9.79 14.52
N PHE B 361 -25.71 -10.33 15.70
CA PHE B 361 -26.87 -9.87 16.45
C PHE B 361 -26.54 -9.32 17.84
N GLY B 362 -25.28 -8.93 18.04
CA GLY B 362 -24.87 -8.39 19.32
C GLY B 362 -25.06 -9.36 20.46
N ILE B 363 -25.85 -8.98 21.45
CA ILE B 363 -26.12 -9.87 22.58
C ILE B 363 -27.24 -10.82 22.16
N GLU B 364 -26.83 -11.94 21.58
CA GLU B 364 -27.74 -12.97 21.09
C GLU B 364 -28.80 -13.40 22.10
N SER B 365 -28.47 -13.32 23.38
CA SER B 365 -29.40 -13.71 24.44
C SER B 365 -30.62 -12.80 24.46
N GLN B 366 -30.47 -11.61 23.89
CA GLN B 366 -31.56 -10.63 23.85
C GLN B 366 -32.37 -10.66 22.55
N ILE B 367 -32.02 -11.56 21.65
CA ILE B 367 -32.72 -11.65 20.37
C ILE B 367 -33.54 -12.92 20.22
N ASP B 368 -34.72 -12.79 19.62
CA ASP B 368 -35.62 -13.91 19.40
C ASP B 368 -35.02 -14.84 18.33
N VAL B 369 -34.78 -16.08 18.72
CA VAL B 369 -34.20 -17.06 17.80
C VAL B 369 -34.94 -17.16 16.47
N ARG B 370 -36.27 -17.26 16.52
CA ARG B 370 -37.03 -17.37 15.28
C ARG B 370 -36.97 -16.10 14.44
N TYR B 371 -36.14 -15.15 14.88
CA TYR B 371 -35.96 -13.91 14.15
C TYR B 371 -34.70 -14.07 13.30
N VAL B 372 -33.61 -14.47 13.94
CA VAL B 372 -32.36 -14.68 13.24
C VAL B 372 -32.57 -15.78 12.21
N GLU B 373 -33.54 -16.66 12.50
CA GLU B 373 -33.83 -17.77 11.60
C GLU B 373 -34.41 -17.26 10.29
N LYS B 374 -35.29 -16.28 10.36
CA LYS B 374 -35.88 -15.74 9.13
C LYS B 374 -34.89 -14.79 8.46
N ILE B 375 -34.11 -14.06 9.27
CA ILE B 375 -33.12 -13.14 8.73
C ILE B 375 -32.16 -13.96 7.87
N VAL B 376 -31.60 -15.01 8.47
CA VAL B 376 -30.66 -15.86 7.75
C VAL B 376 -31.30 -16.41 6.48
N GLN B 377 -32.61 -16.60 6.51
CA GLN B 377 -33.31 -17.14 5.35
C GLN B 377 -33.67 -16.07 4.33
N THR B 378 -34.06 -14.88 4.82
CA THR B 378 -34.49 -13.79 3.95
C THR B 378 -33.42 -13.03 3.16
N LEU B 379 -32.41 -12.53 3.85
CA LEU B 379 -31.34 -11.75 3.23
C LEU B 379 -30.80 -12.30 1.91
N PRO B 380 -30.44 -13.59 1.89
CA PRO B 380 -29.91 -14.19 0.66
C PRO B 380 -30.83 -14.03 -0.54
N TYR B 381 -32.14 -13.94 -0.29
CA TYR B 381 -33.11 -13.78 -1.36
C TYR B 381 -33.35 -12.33 -1.77
N VAL B 382 -33.55 -11.45 -0.79
CA VAL B 382 -33.80 -10.03 -1.08
C VAL B 382 -32.55 -9.24 -1.48
N SER B 383 -31.40 -9.58 -0.90
CA SER B 383 -30.15 -8.88 -1.21
C SER B 383 -29.39 -9.64 -2.28
N ASN B 384 -29.77 -10.90 -2.46
CA ASN B 384 -29.18 -11.78 -3.46
C ASN B 384 -27.74 -12.22 -3.25
N VAL B 385 -27.13 -11.83 -2.15
CA VAL B 385 -25.74 -12.21 -1.91
C VAL B 385 -25.57 -13.18 -0.72
N PRO B 386 -24.48 -13.97 -0.72
CA PRO B 386 -24.21 -14.93 0.36
C PRO B 386 -24.03 -14.21 1.70
N LEU B 387 -23.95 -14.98 2.78
CA LEU B 387 -23.77 -14.40 4.10
C LEU B 387 -22.60 -14.96 4.88
N SER B 388 -22.10 -14.12 5.80
CA SER B 388 -21.02 -14.48 6.71
C SER B 388 -21.73 -14.44 8.06
N LEU B 389 -22.00 -15.61 8.63
CA LEU B 389 -22.70 -15.69 9.91
C LEU B 389 -21.80 -15.34 11.10
N ASP B 390 -22.03 -14.16 11.66
CA ASP B 390 -21.25 -13.68 12.79
C ASP B 390 -22.00 -14.01 14.07
N ILE B 391 -21.88 -15.25 14.54
CA ILE B 391 -22.59 -15.69 15.73
C ILE B 391 -21.69 -16.42 16.70
N GLN B 392 -21.72 -16.00 17.97
CA GLN B 392 -20.90 -16.62 19.00
C GLN B 392 -21.61 -17.74 19.74
N ASN B 393 -22.85 -17.52 20.16
CA ASN B 393 -23.63 -18.53 20.87
C ASN B 393 -23.80 -19.76 19.99
N VAL B 394 -23.19 -20.87 20.39
CA VAL B 394 -23.24 -22.11 19.63
C VAL B 394 -24.68 -22.56 19.33
N ASP B 395 -25.61 -22.29 20.24
CA ASP B 395 -27.01 -22.67 20.05
C ASP B 395 -27.57 -21.94 18.82
N LEU B 396 -27.47 -20.63 18.83
CA LEU B 396 -27.96 -19.80 17.73
C LEU B 396 -27.23 -20.14 16.43
N THR B 397 -26.02 -20.68 16.57
CA THR B 397 -25.20 -21.05 15.42
C THR B 397 -25.78 -22.21 14.62
N GLU B 398 -26.18 -23.28 15.31
CA GLU B 398 -26.75 -24.43 14.61
C GLU B 398 -28.05 -24.04 13.91
N ARG B 399 -28.85 -23.20 14.58
CA ARG B 399 -30.11 -22.73 14.01
C ARG B 399 -29.86 -22.03 12.68
N ALA B 400 -28.91 -21.11 12.68
CA ALA B 400 -28.56 -20.34 11.49
C ALA B 400 -27.99 -21.23 10.39
N LEU B 401 -27.12 -22.16 10.78
CA LEU B 401 -26.49 -23.07 9.84
C LEU B 401 -27.48 -24.00 9.10
N ARG B 402 -28.47 -24.53 9.82
CA ARG B 402 -29.42 -25.45 9.20
C ARG B 402 -30.42 -24.73 8.29
N ALA B 403 -30.78 -23.51 8.63
CA ALA B 403 -31.75 -22.75 7.84
C ALA B 403 -31.15 -21.83 6.78
N TYR B 404 -29.83 -21.88 6.58
CA TYR B 404 -29.21 -21.01 5.57
C TYR B 404 -29.24 -21.61 4.17
N PRO B 405 -29.87 -20.90 3.23
CA PRO B 405 -30.00 -21.32 1.83
C PRO B 405 -28.74 -21.21 1.01
N GLY B 406 -27.91 -22.26 1.05
CA GLY B 406 -26.68 -22.27 0.29
C GLY B 406 -25.49 -22.58 1.19
N ARG B 407 -24.29 -22.36 0.69
CA ARG B 407 -23.07 -22.61 1.45
C ARG B 407 -22.56 -21.27 2.01
N SER B 408 -22.67 -21.11 3.33
CA SER B 408 -22.25 -19.86 3.97
C SER B 408 -20.83 -19.90 4.52
N LEU B 409 -20.45 -18.79 5.13
CA LEU B 409 -19.15 -18.63 5.77
C LEU B 409 -19.43 -18.34 7.24
N PHE B 410 -18.92 -19.20 8.13
CA PHE B 410 -19.14 -18.97 9.55
C PHE B 410 -18.02 -18.12 10.11
N ASN B 411 -18.40 -17.00 10.73
CA ASN B 411 -17.43 -16.08 11.27
C ASN B 411 -16.77 -16.48 12.60
N SER B 412 -15.44 -16.52 12.55
CA SER B 412 -14.57 -16.83 13.68
C SER B 412 -14.71 -18.14 14.46
N ALA B 413 -13.54 -18.73 14.70
CA ALA B 413 -13.37 -19.98 15.45
C ALA B 413 -11.89 -19.95 15.81
N LYS B 414 -11.58 -19.62 17.06
CA LYS B 414 -10.21 -19.54 17.53
C LYS B 414 -9.48 -20.88 17.45
N VAL B 415 -8.16 -20.86 17.53
CA VAL B 415 -7.36 -22.07 17.46
C VAL B 415 -7.43 -22.85 18.76
N ASP B 416 -8.64 -23.32 19.09
CA ASP B 416 -8.89 -24.07 20.31
C ASP B 416 -9.46 -25.45 19.98
N GLU B 417 -8.65 -26.49 20.21
CA GLU B 417 -9.04 -27.87 19.95
C GLU B 417 -10.53 -28.17 20.12
N GLU B 418 -11.07 -27.85 21.30
CA GLU B 418 -12.48 -28.11 21.58
C GLU B 418 -13.44 -27.26 20.75
N GLU B 419 -13.21 -25.94 20.76
CA GLU B 419 -14.06 -25.03 20.01
C GLU B 419 -14.11 -25.36 18.52
N LEU B 420 -12.99 -25.81 17.97
CA LEU B 420 -12.91 -26.14 16.56
C LEU B 420 -13.72 -27.38 16.18
N GLU B 421 -13.51 -28.48 16.91
CA GLU B 421 -14.25 -29.70 16.62
C GLU B 421 -15.75 -29.42 16.70
N MSE B 422 -16.14 -28.67 17.73
CA MSE B 422 -17.53 -28.30 17.95
C MSE B 422 -18.07 -27.47 16.80
O MSE B 422 -19.25 -27.58 16.43
CB MSE B 422 -17.65 -27.53 19.26
CG MSE B 422 -19.01 -26.89 19.52
SE MSE B 422 -19.07 -26.01 21.25
CE MSE B 422 -18.03 -24.43 20.86
N LYS B 423 -17.22 -26.63 16.21
CA LYS B 423 -17.64 -25.79 15.10
C LYS B 423 -17.47 -26.48 13.75
N ILE B 424 -16.39 -27.24 13.60
CA ILE B 424 -16.13 -27.95 12.36
C ILE B 424 -17.24 -28.97 12.07
N ASN B 425 -17.62 -29.74 13.08
CA ASN B 425 -18.67 -30.72 12.91
C ASN B 425 -20.00 -30.08 12.54
N LEU B 426 -20.31 -28.93 13.16
CA LEU B 426 -21.56 -28.23 12.87
C LEU B 426 -21.61 -27.96 11.38
N LEU B 427 -20.48 -27.51 10.83
CA LEU B 427 -20.38 -27.20 9.41
C LEU B 427 -20.33 -28.46 8.56
N LYS B 428 -19.82 -29.54 9.11
CA LYS B 428 -19.73 -30.81 8.39
C LYS B 428 -21.13 -31.41 8.18
N LYS B 429 -22.06 -31.00 9.02
CA LYS B 429 -23.43 -31.51 8.96
C LYS B 429 -24.36 -30.61 8.16
N TYR B 430 -24.23 -29.30 8.33
CA TYR B 430 -25.08 -28.35 7.62
C TYR B 430 -24.38 -27.66 6.46
N GLY B 431 -23.09 -27.94 6.28
CA GLY B 431 -22.33 -27.32 5.21
C GLY B 431 -21.87 -25.90 5.50
N GLY B 432 -20.89 -25.43 4.74
CA GLY B 432 -20.39 -24.08 4.93
C GLY B 432 -18.88 -24.00 5.07
N THR B 433 -18.37 -22.77 5.14
CA THR B 433 -16.94 -22.55 5.30
C THR B 433 -16.70 -21.88 6.64
N LEU B 434 -15.45 -21.91 7.11
CA LEU B 434 -15.12 -21.35 8.40
C LEU B 434 -13.98 -20.33 8.44
N ILE B 435 -14.20 -19.22 9.16
CA ILE B 435 -13.18 -18.21 9.35
C ILE B 435 -12.41 -18.64 10.60
N VAL B 436 -11.13 -18.96 10.44
CA VAL B 436 -10.32 -19.39 11.57
C VAL B 436 -9.46 -18.24 12.08
N LEU B 437 -9.87 -17.67 13.21
CA LEU B 437 -9.17 -16.56 13.83
C LEU B 437 -7.94 -17.07 14.60
N LEU B 438 -6.74 -16.78 14.08
CA LEU B 438 -5.49 -17.21 14.72
C LEU B 438 -5.38 -16.57 16.10
N MSE B 439 -5.94 -17.25 17.09
CA MSE B 439 -5.94 -16.74 18.46
C MSE B 439 -6.43 -17.85 19.41
O MSE B 439 -6.96 -18.86 18.96
CB MSE B 439 -6.89 -15.54 18.52
CG MSE B 439 -7.01 -14.86 19.86
SE MSE B 439 -8.44 -13.56 19.72
CE MSE B 439 -7.50 -12.17 18.76
N GLY B 440 -6.25 -17.65 20.71
CA GLY B 440 -6.68 -18.66 21.66
C GLY B 440 -6.58 -18.22 23.10
N LYS B 441 -5.80 -18.97 23.89
CA LYS B 441 -5.60 -18.66 25.30
C LYS B 441 -5.25 -17.19 25.47
N ASP B 442 -4.27 -16.74 24.71
CA ASP B 442 -3.85 -15.35 24.78
C ASP B 442 -3.75 -14.75 23.38
N VAL B 443 -3.84 -13.43 23.30
CA VAL B 443 -3.76 -12.71 22.04
C VAL B 443 -2.31 -12.52 21.61
N PRO B 444 -1.86 -13.28 20.61
CA PRO B 444 -0.48 -13.17 20.12
C PRO B 444 -0.25 -11.84 19.41
N LYS B 445 0.87 -11.19 19.70
CA LYS B 445 1.19 -9.92 19.08
C LYS B 445 2.18 -10.16 17.94
N SER B 446 3.22 -10.93 18.25
CA SER B 446 4.28 -11.27 17.31
C SER B 446 3.78 -11.97 16.05
N PHE B 447 4.59 -11.90 14.99
CA PHE B 447 4.27 -12.56 13.73
C PHE B 447 4.51 -14.05 13.92
N GLU B 448 5.68 -14.37 14.47
CA GLU B 448 6.06 -15.75 14.72
C GLU B 448 5.07 -16.45 15.64
N GLU B 449 4.32 -15.66 16.41
CA GLU B 449 3.33 -16.23 17.33
C GLU B 449 2.08 -16.62 16.56
N ARG B 450 1.66 -15.79 15.61
CA ARG B 450 0.49 -16.09 14.80
C ARG B 450 0.86 -17.27 13.91
N LYS B 451 2.14 -17.36 13.60
CA LYS B 451 2.68 -18.43 12.75
C LYS B 451 2.56 -19.80 13.43
N GLU B 452 2.85 -19.85 14.73
CA GLU B 452 2.76 -21.10 15.47
C GLU B 452 1.29 -21.47 15.58
N TYR B 453 0.45 -20.45 15.73
CA TYR B 453 -0.99 -20.65 15.83
C TYR B 453 -1.52 -21.16 14.50
N PHE B 454 -0.84 -20.80 13.42
CA PHE B 454 -1.23 -21.23 12.09
C PHE B 454 -0.95 -22.72 11.95
N GLU B 455 0.22 -23.14 12.42
CA GLU B 455 0.61 -24.55 12.36
C GLU B 455 -0.30 -25.41 13.21
N LYS B 456 -0.61 -24.93 14.41
CA LYS B 456 -1.48 -25.65 15.32
C LYS B 456 -2.83 -25.89 14.65
N ALA B 457 -3.50 -24.81 14.28
CA ALA B 457 -4.79 -24.90 13.62
C ALA B 457 -4.71 -25.81 12.42
N LEU B 458 -3.64 -25.67 11.64
CA LEU B 458 -3.45 -26.49 10.45
C LEU B 458 -3.45 -27.96 10.86
N LYS B 459 -2.72 -28.30 11.93
CA LYS B 459 -2.66 -29.67 12.41
C LYS B 459 -4.06 -30.18 12.76
N ILE B 460 -4.80 -29.37 13.50
CA ILE B 460 -6.17 -29.73 13.90
C ILE B 460 -7.05 -29.94 12.67
N LEU B 461 -7.06 -28.96 11.77
CA LEU B 461 -7.86 -29.06 10.55
C LEU B 461 -7.54 -30.32 9.75
N GLU B 462 -6.32 -30.81 9.91
CA GLU B 462 -5.90 -32.02 9.20
C GLU B 462 -6.53 -33.24 9.84
N ARG B 463 -6.55 -33.29 11.17
CA ARG B 463 -7.13 -34.41 11.89
C ARG B 463 -8.62 -34.52 11.60
N HIS B 464 -9.21 -33.44 11.10
CA HIS B 464 -10.63 -33.42 10.77
C HIS B 464 -10.84 -33.16 9.29
N ASP B 465 -9.77 -33.30 8.51
CA ASP B 465 -9.79 -33.07 7.07
C ASP B 465 -10.77 -31.96 6.68
N PHE B 466 -10.55 -30.77 7.25
CA PHE B 466 -11.40 -29.62 6.98
C PHE B 466 -10.54 -28.48 6.44
N SER B 467 -9.25 -28.78 6.26
CA SER B 467 -8.26 -27.83 5.77
C SER B 467 -8.69 -26.94 4.61
N ASP B 468 -9.41 -27.53 3.65
CA ASP B 468 -9.85 -26.80 2.47
C ASP B 468 -11.16 -26.03 2.59
N ARG B 469 -11.68 -25.89 3.80
CA ARG B 469 -12.94 -25.16 4.01
C ARG B 469 -12.76 -24.01 4.98
N VAL B 470 -11.53 -23.50 5.06
CA VAL B 470 -11.23 -22.40 5.95
C VAL B 470 -10.52 -21.23 5.28
N ILE B 471 -10.58 -20.09 5.94
CA ILE B 471 -9.93 -18.86 5.48
C ILE B 471 -9.45 -18.22 6.79
N PHE B 472 -8.17 -17.87 6.84
CA PHE B 472 -7.60 -17.30 8.07
C PHE B 472 -7.71 -15.81 8.28
N ASP B 473 -7.93 -15.44 9.54
CA ASP B 473 -8.04 -14.07 9.98
C ASP B 473 -6.92 -13.88 10.99
N PRO B 474 -5.83 -13.21 10.58
CA PRO B 474 -4.67 -12.96 11.45
C PRO B 474 -4.97 -12.15 12.72
N GLY B 475 -6.20 -11.67 12.85
CA GLY B 475 -6.57 -10.90 14.02
C GLY B 475 -5.96 -9.52 14.06
N VAL B 476 -6.74 -8.53 13.63
CA VAL B 476 -6.29 -7.15 13.60
C VAL B 476 -6.62 -6.42 14.89
N LEU B 477 -5.58 -6.04 15.63
CA LEU B 477 -5.72 -5.33 16.90
C LEU B 477 -5.77 -3.82 16.66
N PRO B 478 -6.56 -3.10 17.47
CA PRO B 478 -6.69 -1.64 17.34
C PRO B 478 -5.35 -0.93 17.40
N LEU B 479 -5.06 -0.11 16.39
CA LEU B 479 -3.81 0.62 16.32
C LEU B 479 -3.63 1.47 17.57
N GLY B 480 -4.70 2.12 17.99
CA GLY B 480 -4.66 2.95 19.18
C GLY B 480 -4.68 2.12 20.45
N ALA B 481 -4.02 0.98 20.39
CA ALA B 481 -3.94 0.06 21.52
C ALA B 481 -2.81 -0.92 21.22
N GLU B 482 -1.71 -0.40 20.69
CA GLU B 482 -0.56 -1.22 20.35
C GLU B 482 -1.00 -2.44 19.55
N GLY B 483 -1.49 -2.21 18.34
CA GLY B 483 -1.94 -3.31 17.51
C GLY B 483 -0.81 -3.95 16.71
N LYS B 484 0.18 -3.14 16.32
CA LYS B 484 1.32 -3.63 15.54
C LYS B 484 0.86 -4.22 14.20
N PRO B 485 0.19 -3.40 13.37
CA PRO B 485 -0.31 -3.79 12.06
C PRO B 485 0.72 -4.45 11.15
N VAL B 486 2.00 -4.12 11.34
CA VAL B 486 3.05 -4.70 10.50
C VAL B 486 3.15 -6.21 10.73
N GLU B 487 2.79 -6.64 11.94
CA GLU B 487 2.84 -8.07 12.27
C GLU B 487 1.74 -8.82 11.53
N VAL B 488 0.58 -8.20 11.42
CA VAL B 488 -0.55 -8.79 10.74
C VAL B 488 -0.22 -8.91 9.25
N LEU B 489 0.39 -7.86 8.70
CA LEU B 489 0.75 -7.84 7.28
C LEU B 489 1.69 -9.00 6.96
N LYS B 490 2.64 -9.26 7.86
CA LYS B 490 3.59 -10.35 7.68
C LYS B 490 2.86 -11.69 7.68
N THR B 491 1.86 -11.81 8.54
CA THR B 491 1.08 -13.04 8.65
C THR B 491 0.33 -13.29 7.35
N ILE B 492 -0.36 -12.26 6.86
CA ILE B 492 -1.12 -12.34 5.62
C ILE B 492 -0.23 -12.83 4.47
N GLU B 493 0.97 -12.27 4.37
CA GLU B 493 1.90 -12.67 3.33
C GLU B 493 2.25 -14.13 3.46
N PHE B 494 2.58 -14.54 4.67
CA PHE B 494 2.93 -15.92 4.94
C PHE B 494 1.79 -16.87 4.58
N ILE B 495 0.61 -16.60 5.13
CA ILE B 495 -0.53 -17.45 4.85
C ILE B 495 -0.80 -17.52 3.34
N SER B 496 -0.80 -16.36 2.68
CA SER B 496 -1.04 -16.32 1.25
C SER B 496 -0.06 -17.23 0.53
N SER B 497 1.20 -17.18 0.93
CA SER B 497 2.24 -17.99 0.30
C SER B 497 1.96 -19.48 0.49
N LYS B 498 1.09 -19.80 1.44
CA LYS B 498 0.75 -21.18 1.71
C LYS B 498 -0.45 -21.66 0.88
N GLY B 499 -1.10 -20.72 0.19
CA GLY B 499 -2.24 -21.06 -0.63
C GLY B 499 -3.58 -20.94 0.08
N PHE B 500 -3.59 -20.26 1.23
CA PHE B 500 -4.83 -20.10 1.97
C PHE B 500 -5.41 -18.70 1.84
N ASN B 501 -6.74 -18.63 1.82
CA ASN B 501 -7.43 -17.35 1.72
C ASN B 501 -7.34 -16.65 3.06
N THR B 502 -7.44 -15.33 3.03
CA THR B 502 -7.37 -14.55 4.26
C THR B 502 -8.46 -13.49 4.29
N THR B 503 -8.70 -12.94 5.47
CA THR B 503 -9.69 -11.89 5.65
C THR B 503 -9.28 -11.17 6.92
N VAL B 504 -9.89 -10.01 7.17
CA VAL B 504 -9.59 -9.24 8.36
C VAL B 504 -10.79 -8.38 8.69
N GLY B 505 -10.86 -7.94 9.95
CA GLY B 505 -11.93 -7.06 10.37
C GLY B 505 -11.31 -5.67 10.29
N LEU B 506 -11.11 -5.19 9.08
CA LEU B 506 -10.51 -3.88 8.81
C LEU B 506 -10.75 -2.81 9.87
N SER B 507 -11.98 -2.34 9.94
CA SER B 507 -12.36 -1.28 10.88
C SER B 507 -11.84 -1.35 12.32
N ASN B 508 -11.49 -2.54 12.80
CA ASN B 508 -11.00 -2.66 14.17
C ASN B 508 -9.67 -1.94 14.35
N LEU B 509 -8.86 -1.93 13.29
CA LEU B 509 -7.56 -1.26 13.31
C LEU B 509 -7.65 0.21 13.71
N SER B 510 -8.66 0.90 13.19
CA SER B 510 -8.85 2.31 13.48
C SER B 510 -9.78 2.59 14.64
N PHE B 511 -10.11 1.54 15.39
CA PHE B 511 -11.00 1.69 16.53
C PHE B 511 -10.51 2.79 17.46
N GLY B 512 -11.37 3.79 17.68
CA GLY B 512 -11.01 4.90 18.58
C GLY B 512 -10.25 6.06 17.97
N LEU B 513 -9.37 5.77 17.01
CA LEU B 513 -8.56 6.81 16.37
C LEU B 513 -9.38 7.69 15.44
N PRO B 514 -8.96 8.95 15.25
CA PRO B 514 -9.65 9.90 14.38
C PRO B 514 -9.26 9.62 12.93
N ASP B 515 -10.08 10.07 11.98
CA ASP B 515 -9.79 9.85 10.57
C ASP B 515 -9.52 8.37 10.33
N ARG B 516 -10.38 7.53 10.92
CA ARG B 516 -10.24 6.08 10.81
C ARG B 516 -10.33 5.59 9.37
N SER B 517 -11.05 6.34 8.54
CA SER B 517 -11.21 5.98 7.13
C SER B 517 -9.87 5.91 6.39
N TYR B 518 -8.93 6.75 6.79
CA TYR B 518 -7.62 6.79 6.16
C TYR B 518 -6.73 5.67 6.66
N TYR B 519 -6.91 5.23 7.90
CA TYR B 519 -6.12 4.13 8.43
C TYR B 519 -6.63 2.83 7.82
N ASN B 520 -7.95 2.74 7.69
CA ASN B 520 -8.59 1.58 7.11
C ASN B 520 -8.10 1.38 5.67
N THR B 521 -8.13 2.48 4.90
CA THR B 521 -7.71 2.44 3.50
C THR B 521 -6.24 2.09 3.34
N ALA B 522 -5.37 2.76 4.10
CA ALA B 522 -3.94 2.49 4.00
C ALA B 522 -3.64 1.03 4.36
N PHE B 523 -4.28 0.53 5.42
CA PHE B 523 -4.04 -0.86 5.81
C PHE B 523 -4.57 -1.80 4.72
N LEU B 524 -5.78 -1.54 4.25
CA LEU B 524 -6.36 -2.37 3.21
C LEU B 524 -5.45 -2.45 1.99
N VAL B 525 -4.92 -1.31 1.55
CA VAL B 525 -4.02 -1.31 0.40
C VAL B 525 -2.79 -2.18 0.71
N LEU B 526 -2.10 -1.89 1.80
CA LEU B 526 -0.92 -2.69 2.17
C LEU B 526 -1.33 -4.16 2.23
N GLY B 527 -2.48 -4.41 2.85
CA GLY B 527 -2.94 -5.78 3.00
C GLY B 527 -3.05 -6.54 1.69
N ILE B 528 -3.77 -5.97 0.73
CA ILE B 528 -3.97 -6.59 -0.55
C ILE B 528 -2.64 -6.88 -1.25
N SER B 529 -1.67 -5.99 -1.07
CA SER B 529 -0.36 -6.19 -1.70
C SER B 529 0.36 -7.38 -1.10
N LYS B 530 -0.11 -7.83 0.06
CA LYS B 530 0.49 -8.99 0.72
C LYS B 530 -0.31 -10.26 0.49
N GLY B 531 -1.40 -10.14 -0.27
CA GLY B 531 -2.22 -11.30 -0.57
C GLY B 531 -3.60 -11.36 0.08
N LEU B 532 -3.92 -10.40 0.94
CA LEU B 532 -5.22 -10.39 1.61
C LEU B 532 -6.33 -10.75 0.62
N SER B 533 -7.05 -11.84 0.89
CA SER B 533 -8.12 -12.34 0.03
C SER B 533 -9.44 -11.60 0.10
N SER B 534 -9.71 -10.99 1.24
CA SER B 534 -10.96 -10.29 1.43
C SER B 534 -10.92 -9.55 2.74
N ALA B 535 -12.01 -8.88 3.07
CA ALA B 535 -12.07 -8.15 4.32
C ALA B 535 -13.47 -7.72 4.70
N ILE B 536 -13.75 -7.80 6.00
CA ILE B 536 -15.02 -7.37 6.55
C ILE B 536 -14.78 -5.88 6.71
N MSE B 537 -15.47 -5.09 5.90
CA MSE B 537 -15.26 -3.65 5.88
C MSE B 537 -16.55 -2.89 5.60
O MSE B 537 -17.59 -3.49 5.32
CB MSE B 537 -14.24 -3.35 4.79
CG MSE B 537 -14.67 -3.97 3.47
SE MSE B 537 -13.36 -3.98 2.03
CE MSE B 537 -13.71 -2.21 1.35
N ASN B 538 -16.47 -1.57 5.65
CA ASN B 538 -17.62 -0.71 5.38
C ASN B 538 -17.67 -0.30 3.92
N PRO B 539 -18.60 -0.89 3.15
CA PRO B 539 -18.74 -0.58 1.72
C PRO B 539 -19.34 0.79 1.46
N LEU B 540 -19.84 1.43 2.52
CA LEU B 540 -20.43 2.76 2.38
C LEU B 540 -19.37 3.86 2.46
N ASP B 541 -18.13 3.46 2.78
CA ASP B 541 -16.99 4.38 2.86
C ASP B 541 -16.54 4.55 1.40
N GLU B 542 -16.98 5.63 0.78
CA GLU B 542 -16.65 5.86 -0.63
C GLU B 542 -15.17 5.90 -0.91
N THR B 543 -14.42 6.60 -0.07
CA THR B 543 -12.98 6.72 -0.26
C THR B 543 -12.30 5.36 -0.22
N LEU B 544 -12.71 4.53 0.75
CA LEU B 544 -12.15 3.20 0.89
C LEU B 544 -12.45 2.34 -0.32
N MSE B 545 -13.70 2.37 -0.77
CA MSE B 545 -14.08 1.58 -1.93
C MSE B 545 -13.40 2.04 -3.21
O MSE B 545 -12.93 1.22 -4.00
CB MSE B 545 -15.60 1.57 -2.09
CG MSE B 545 -16.33 0.80 -0.97
SE MSE B 545 -15.91 -1.09 -0.96
CE MSE B 545 -16.92 -1.60 -2.54
N LYS B 546 -13.36 3.35 -3.43
CA LYS B 546 -12.71 3.89 -4.64
C LYS B 546 -11.22 3.56 -4.64
N THR B 547 -10.58 3.74 -3.49
CA THR B 547 -9.16 3.43 -3.39
C THR B 547 -8.95 1.94 -3.59
N LEU B 548 -9.90 1.14 -3.12
CA LEU B 548 -9.82 -0.31 -3.27
C LEU B 548 -9.85 -0.68 -4.75
N ASN B 549 -10.78 -0.09 -5.49
CA ASN B 549 -10.87 -0.39 -6.91
C ASN B 549 -9.59 0.03 -7.60
N ALA B 550 -9.11 1.23 -7.27
CA ALA B 550 -7.89 1.76 -7.86
C ALA B 550 -6.73 0.80 -7.61
N THR B 551 -6.69 0.24 -6.41
CA THR B 551 -5.63 -0.69 -6.03
C THR B 551 -5.66 -1.95 -6.90
N LEU B 552 -6.87 -2.45 -7.17
CA LEU B 552 -7.03 -3.65 -7.98
C LEU B 552 -6.68 -3.40 -9.44
N VAL B 553 -6.97 -2.19 -9.92
CA VAL B 553 -6.64 -1.82 -11.30
C VAL B 553 -5.13 -1.73 -11.43
N ILE B 554 -4.50 -1.04 -10.49
CA ILE B 554 -3.06 -0.85 -10.46
C ILE B 554 -2.29 -2.17 -10.41
N LEU B 555 -2.79 -3.10 -9.60
CA LEU B 555 -2.14 -4.40 -9.48
C LEU B 555 -2.66 -5.35 -10.55
N GLU B 556 -3.32 -4.77 -11.55
CA GLU B 556 -3.89 -5.51 -12.67
C GLU B 556 -4.66 -6.77 -12.32
N LYS B 557 -5.65 -6.59 -11.44
CA LYS B 557 -6.52 -7.68 -11.03
C LYS B 557 -7.92 -7.19 -11.34
N LYS B 558 -7.99 -6.16 -12.18
CA LYS B 558 -9.26 -5.56 -12.58
C LYS B 558 -9.05 -4.53 -13.69
CD CD C . 34.98 38.68 15.67
CD CD D . 41.77 31.59 34.72
CD CD E . -40.54 -34.28 -15.92
#